data_3K13
#
_entry.id   3K13
#
_cell.length_a   137.652
_cell.length_b   79.992
_cell.length_c   127.068
_cell.angle_alpha   90.000
_cell.angle_beta   90.120
_cell.angle_gamma   90.000
#
_symmetry.space_group_name_H-M   'C 1 2 1'
#
loop_
_entity.id
_entity.type
_entity.pdbx_description
1 polymer '5-methyltetrahydrofolate-homocysteine methyltransferase'
2 non-polymer GLYCEROL
3 non-polymer 'N-[4-({[(6S)-2-AMINO-4-HYDROXY-5-METHYL-5,6,7,8-TETRAHYDROPTERIDIN-6-YL]METHYL}AMINO)BENZOYL]-L-GLUTAMIC ACID'
4 non-polymer 'POTASSIUM ION'
5 non-polymer 'SODIUM ION'
6 water water
#
_entity_poly.entity_id   1
_entity_poly.type   'polypeptide(L)'
_entity_poly.pdbx_seq_one_letter_code
;SNALEVKPEINFVNIGERCNVAGSRKFLRLVNEKKYDEALSIARQQVEDGALVIDVN(MSE)DDGLLDARTE(MSE)TTF
LNLI(MSE)SEPEIARVPV(MSE)IDSSKWEVIEAGLKCLQGKSIVNSISLKEGEEVFLEHARIIKQYGAATVV(MSE)A
FDEKGQADTAARKIEVCERAYRLLVDKVGFNPHDIIFDPNVLAVATGIEEHNNYAVDFIEATGWIRKNLPGAHVSGGVSN
LSFSFRGNNYIREA(MSE)HAVFLYHAIQQG(MSE)D(MSE)GIVNPGTSVLYSDIPADTLEKIEDVVLNRRPDAAERLI
ELAEALKET(MSE)GG
;
_entity_poly.pdbx_strand_id   A,B,C
#
# COMPACT_ATOMS: atom_id res chain seq x y z
N GLU A 9 -7.87 -32.82 0.45
CA GLU A 9 -8.96 -32.25 1.30
C GLU A 9 -10.33 -32.84 0.88
N ILE A 10 -10.34 -33.69 -0.14
CA ILE A 10 -11.56 -34.42 -0.57
C ILE A 10 -12.00 -35.42 0.53
N ASN A 11 -11.03 -36.13 1.09
CA ASN A 11 -11.26 -36.91 2.28
C ASN A 11 -10.68 -36.19 3.51
N PHE A 12 -11.44 -35.20 3.94
CA PHE A 12 -11.20 -34.53 5.20
C PHE A 12 -12.52 -33.98 5.68
N VAL A 13 -12.90 -34.34 6.90
CA VAL A 13 -14.12 -33.86 7.52
C VAL A 13 -13.78 -32.67 8.43
N ASN A 14 -14.30 -31.52 8.11
CA ASN A 14 -14.16 -30.35 8.96
C ASN A 14 -15.20 -30.37 10.05
N ILE A 15 -14.74 -30.33 11.31
CA ILE A 15 -15.60 -30.23 12.46
C ILE A 15 -15.59 -28.78 12.93
N GLY A 16 -16.74 -28.13 12.91
CA GLY A 16 -16.82 -26.72 13.25
C GLY A 16 -16.53 -26.51 14.72
N GLU A 17 -15.62 -25.60 15.02
CA GLU A 17 -15.18 -25.38 16.40
C GLU A 17 -15.94 -24.32 17.18
N ARG A 18 -16.74 -23.53 16.51
CA ARG A 18 -17.15 -22.24 17.07
C ARG A 18 -18.25 -22.25 18.13
N CYS A 19 -19.05 -23.31 18.21
CA CYS A 19 -20.10 -23.39 19.25
C CYS A 19 -19.50 -23.92 20.55
N ASN A 20 -18.53 -23.17 21.05
CA ASN A 20 -17.73 -23.59 22.18
C ASN A 20 -17.56 -22.37 23.06
N VAL A 21 -18.19 -22.38 24.24
CA VAL A 21 -18.14 -21.22 25.14
C VAL A 21 -16.75 -20.91 25.69
N ALA A 22 -15.86 -21.88 25.71
CA ALA A 22 -14.49 -21.65 26.15
C ALA A 22 -13.62 -21.22 24.98
N GLY A 23 -14.08 -21.48 23.75
CA GLY A 23 -13.29 -21.17 22.57
C GLY A 23 -13.77 -19.97 21.78
N SER A 24 -14.93 -19.42 22.15
CA SER A 24 -15.49 -18.26 21.47
C SER A 24 -16.21 -17.33 22.44
N ARG A 25 -15.65 -16.15 22.64
CA ARG A 25 -16.22 -15.20 23.57
C ARG A 25 -17.66 -14.79 23.17
N LYS A 26 -17.89 -14.64 21.88
CA LYS A 26 -19.21 -14.37 21.37
C LYS A 26 -20.19 -15.49 21.72
N PHE A 27 -19.80 -16.73 21.40
CA PHE A 27 -20.73 -17.84 21.68
C PHE A 27 -21.07 -17.87 23.16
N LEU A 28 -20.06 -17.68 24.02
CA LEU A 28 -20.31 -17.64 25.46
C LEU A 28 -21.34 -16.56 25.85
N ARG A 29 -21.20 -15.36 25.29
CA ARG A 29 -22.12 -14.26 25.63
C ARG A 29 -23.54 -14.62 25.15
N LEU A 30 -23.64 -15.16 23.94
CA LEU A 30 -24.97 -15.46 23.40
C LEU A 30 -25.70 -16.46 24.28
N VAL A 31 -25.00 -17.50 24.71
CA VAL A 31 -25.61 -18.53 25.55
C VAL A 31 -26.00 -17.88 26.88
N ASN A 32 -25.05 -17.17 27.48
CA ASN A 32 -25.31 -16.58 28.80
C ASN A 32 -26.50 -15.62 28.76
N GLU A 33 -26.68 -14.91 27.65
CA GLU A 33 -27.78 -13.97 27.50
C GLU A 33 -29.07 -14.63 26.97
N LYS A 34 -29.02 -15.94 26.73
CA LYS A 34 -30.16 -16.71 26.24
C LYS A 34 -30.62 -16.27 24.84
N LYS A 35 -29.66 -15.87 24.00
CA LYS A 35 -29.95 -15.47 22.63
C LYS A 35 -29.67 -16.71 21.80
N TYR A 36 -30.49 -17.74 22.03
CA TYR A 36 -30.24 -19.04 21.45
C TYR A 36 -30.41 -19.06 19.94
N ASP A 37 -31.28 -18.20 19.41
CA ASP A 37 -31.42 -18.03 17.93
C ASP A 37 -30.10 -17.58 17.30
N GLU A 38 -29.45 -16.59 17.90
CA GLU A 38 -28.16 -16.11 17.45
C GLU A 38 -27.05 -17.14 17.64
N ALA A 39 -27.07 -17.87 18.78
CA ALA A 39 -26.10 -18.91 18.98
C ALA A 39 -26.25 -20.00 17.89
N LEU A 40 -27.49 -20.31 17.56
CA LEU A 40 -27.79 -21.28 16.52
C LEU A 40 -27.34 -20.83 15.12
N SER A 41 -27.38 -19.53 14.84
CA SER A 41 -26.81 -19.00 13.60
C SER A 41 -25.34 -19.29 13.43
N ILE A 42 -24.59 -19.35 14.52
CA ILE A 42 -23.17 -19.69 14.46
C ILE A 42 -23.02 -21.14 13.98
N ALA A 43 -23.87 -22.04 14.45
CA ALA A 43 -23.88 -23.42 13.98
C ALA A 43 -24.23 -23.46 12.49
N ARG A 44 -25.29 -22.75 12.10
CA ARG A 44 -25.77 -22.72 10.72
C ARG A 44 -24.68 -22.19 9.74
N GLN A 45 -24.05 -21.09 10.10
CA GLN A 45 -23.02 -20.53 9.29
C GLN A 45 -21.86 -21.53 9.08
N GLN A 46 -21.51 -22.28 10.12
CA GLN A 46 -20.42 -23.26 10.00
C GLN A 46 -20.82 -24.36 9.03
N VAL A 47 -22.07 -24.79 9.07
CA VAL A 47 -22.55 -25.80 8.13
C VAL A 47 -22.50 -25.26 6.70
N GLU A 48 -22.86 -24.00 6.54
CA GLU A 48 -22.81 -23.33 5.23
C GLU A 48 -21.36 -23.18 4.72
N ASP A 49 -20.42 -22.98 5.63
CA ASP A 49 -18.98 -22.91 5.32
C ASP A 49 -18.29 -24.29 5.14
N GLY A 50 -19.05 -25.39 5.17
CA GLY A 50 -18.52 -26.72 4.85
C GLY A 50 -18.39 -27.72 6.02
N ALA A 51 -18.63 -27.26 7.26
CA ALA A 51 -18.49 -28.15 8.39
C ALA A 51 -19.45 -29.31 8.21
N LEU A 52 -18.95 -30.53 8.40
CA LEU A 52 -19.80 -31.71 8.34
C LEU A 52 -20.12 -32.29 9.71
N VAL A 53 -19.57 -31.66 10.75
CA VAL A 53 -19.84 -32.02 12.12
C VAL A 53 -19.82 -30.68 12.88
N ILE A 54 -20.68 -30.53 13.88
CA ILE A 54 -20.67 -29.34 14.73
C ILE A 54 -20.23 -29.72 16.16
N ASP A 55 -19.13 -29.16 16.63
CA ASP A 55 -18.67 -29.39 17.99
C ASP A 55 -19.42 -28.43 18.93
N VAL A 56 -20.00 -28.95 20.01
CA VAL A 56 -20.73 -28.09 21.00
C VAL A 56 -20.12 -28.25 22.39
N ASN A 57 -19.68 -27.16 22.98
CA ASN A 57 -19.02 -27.17 24.29
C ASN A 57 -19.60 -26.06 25.14
N ASP A 59 -18.93 -25.92 28.64
CA ASP A 59 -18.22 -26.00 29.91
C ASP A 59 -17.74 -24.61 30.30
N ASP A 60 -18.48 -23.94 31.18
CA ASP A 60 -18.04 -22.66 31.77
C ASP A 60 -18.63 -22.53 33.17
N GLY A 61 -17.87 -21.93 34.08
CA GLY A 61 -18.38 -21.73 35.45
C GLY A 61 -19.64 -20.87 35.53
N LEU A 62 -19.87 -20.00 34.56
CA LEU A 62 -21.13 -19.22 34.56
C LEU A 62 -22.37 -20.08 34.22
N LEU A 63 -22.17 -21.24 33.58
CA LEU A 63 -23.27 -22.00 32.99
C LEU A 63 -23.55 -23.33 33.66
N ASP A 64 -24.82 -23.72 33.65
CA ASP A 64 -25.23 -25.09 33.90
C ASP A 64 -25.04 -25.87 32.59
N ALA A 65 -23.87 -26.48 32.45
CA ALA A 65 -23.44 -27.07 31.20
C ALA A 65 -24.40 -28.08 30.64
N ARG A 66 -24.91 -28.95 31.50
CA ARG A 66 -25.77 -30.02 31.09
C ARG A 66 -27.05 -29.45 30.46
N THR A 67 -27.64 -28.44 31.10
CA THR A 67 -28.88 -27.87 30.65
C THR A 67 -28.69 -27.05 29.37
N GLU A 68 -27.56 -26.33 29.27
CA GLU A 68 -27.26 -25.60 28.06
C GLU A 68 -27.04 -26.58 26.93
N THR A 70 -28.31 -29.74 26.50
CA THR A 70 -29.56 -30.31 26.04
C THR A 70 -30.44 -29.23 25.33
N THR A 71 -30.43 -27.99 25.82
CA THR A 71 -31.20 -26.93 25.15
C THR A 71 -30.68 -26.74 23.73
N PHE A 72 -29.36 -26.62 23.59
CA PHE A 72 -28.81 -26.29 22.30
C PHE A 72 -28.94 -27.46 21.31
N LEU A 73 -28.75 -28.67 21.80
CA LEU A 73 -28.90 -29.84 20.94
C LEU A 73 -30.36 -30.02 20.52
N ASN A 74 -31.30 -29.82 21.43
CA ASN A 74 -32.71 -29.86 21.06
C ASN A 74 -33.07 -28.82 20.02
N LEU A 75 -32.57 -27.61 20.18
CA LEU A 75 -32.79 -26.53 19.21
CA LEU A 75 -32.83 -26.56 19.21
C LEU A 75 -32.19 -26.90 17.85
N ILE A 76 -30.97 -27.45 17.86
CA ILE A 76 -30.39 -27.92 16.58
C ILE A 76 -31.31 -28.89 15.83
N SER A 78 -34.37 -29.04 15.82
CA SER A 78 -35.54 -28.39 15.30
C SER A 78 -35.25 -27.64 13.99
N GLU A 79 -33.99 -27.51 13.60
CA GLU A 79 -33.60 -26.70 12.44
CA GLU A 79 -33.63 -26.70 12.43
C GLU A 79 -33.02 -27.61 11.37
N PRO A 80 -33.81 -27.96 10.33
CA PRO A 80 -33.36 -28.96 9.33
C PRO A 80 -31.99 -28.69 8.70
N GLU A 81 -31.67 -27.44 8.46
CA GLU A 81 -30.41 -27.00 7.86
CA GLU A 81 -30.41 -27.14 7.79
C GLU A 81 -29.20 -27.31 8.72
N ILE A 82 -29.44 -27.51 10.02
CA ILE A 82 -28.35 -27.81 10.96
C ILE A 82 -28.39 -29.26 11.41
N ALA A 83 -29.60 -29.82 11.61
CA ALA A 83 -29.82 -31.20 12.10
C ALA A 83 -29.32 -32.25 11.11
N ARG A 84 -29.08 -31.87 9.86
CA ARG A 84 -28.48 -32.75 8.82
C ARG A 84 -27.00 -33.13 9.05
N VAL A 85 -26.33 -32.53 10.03
CA VAL A 85 -24.97 -32.98 10.33
C VAL A 85 -24.87 -33.43 11.75
N PRO A 86 -23.98 -34.37 12.02
CA PRO A 86 -23.83 -34.85 13.38
C PRO A 86 -23.31 -33.80 14.34
N VAL A 87 -23.68 -33.94 15.59
CA VAL A 87 -23.19 -33.08 16.65
C VAL A 87 -22.09 -33.83 17.41
N ILE A 89 -20.47 -33.86 20.88
CA ILE A 89 -20.78 -33.45 22.24
C ILE A 89 -19.45 -33.29 23.02
N ASP A 90 -19.09 -32.05 23.30
CA ASP A 90 -17.77 -31.72 23.80
C ASP A 90 -17.88 -31.25 25.24
N SER A 91 -17.53 -32.14 26.16
CA SER A 91 -17.46 -31.78 27.57
C SER A 91 -16.41 -32.59 28.29
N SER A 92 -15.81 -32.01 29.32
CA SER A 92 -14.95 -32.79 30.23
C SER A 92 -15.80 -33.54 31.28
N LYS A 93 -17.11 -33.22 31.41
CA LYS A 93 -17.95 -33.90 32.40
C LYS A 93 -18.78 -34.99 31.77
N TRP A 94 -18.67 -36.20 32.31
CA TRP A 94 -19.43 -37.32 31.78
C TRP A 94 -20.97 -37.10 31.82
N GLU A 95 -21.49 -36.52 32.91
CA GLU A 95 -22.93 -36.29 33.02
CA GLU A 95 -22.93 -36.27 33.02
C GLU A 95 -23.45 -35.41 31.87
N VAL A 96 -22.62 -34.47 31.41
CA VAL A 96 -22.98 -33.62 30.29
C VAL A 96 -23.03 -34.43 29.01
N ILE A 97 -21.99 -35.20 28.76
CA ILE A 97 -21.97 -36.08 27.60
C ILE A 97 -23.19 -37.00 27.58
N GLU A 98 -23.49 -37.59 28.72
CA GLU A 98 -24.57 -38.57 28.75
C GLU A 98 -25.93 -37.87 28.56
N ALA A 99 -26.09 -36.66 29.09
CA ALA A 99 -27.30 -35.88 28.80
C ALA A 99 -27.42 -35.61 27.29
N GLY A 100 -26.31 -35.28 26.65
CA GLY A 100 -26.29 -35.04 25.20
C GLY A 100 -26.71 -36.26 24.41
N LEU A 101 -26.15 -37.40 24.79
CA LEU A 101 -26.48 -38.69 24.13
C LEU A 101 -27.97 -39.03 24.26
N LYS A 102 -28.51 -38.85 25.45
CA LYS A 102 -29.91 -39.21 25.75
C LYS A 102 -30.82 -38.35 24.92
N CYS A 103 -30.35 -37.15 24.72
CA CYS A 103 -31.10 -36.13 24.11
C CYS A 103 -31.16 -36.30 22.58
N LEU A 104 -30.03 -36.57 21.97
CA LEU A 104 -29.96 -36.68 20.52
C LEU A 104 -30.63 -37.97 20.00
N GLN A 105 -31.31 -37.85 18.86
CA GLN A 105 -32.08 -38.97 18.27
C GLN A 105 -31.21 -39.69 17.27
N GLY A 106 -30.51 -38.93 16.43
CA GLY A 106 -29.51 -39.49 15.50
C GLY A 106 -28.09 -39.62 16.09
N LYS A 107 -27.24 -40.28 15.34
CA LYS A 107 -25.87 -40.56 15.71
C LYS A 107 -25.20 -39.21 16.01
N SER A 108 -24.48 -39.23 17.12
CA SER A 108 -23.74 -38.15 17.65
C SER A 108 -22.33 -38.70 17.87
N ILE A 109 -21.43 -37.82 18.23
CA ILE A 109 -20.06 -38.22 18.47
C ILE A 109 -19.67 -37.68 19.82
N VAL A 110 -19.17 -38.55 20.70
CA VAL A 110 -18.62 -38.12 22.00
C VAL A 110 -17.25 -37.51 21.87
N ASN A 111 -17.08 -36.34 22.47
CA ASN A 111 -15.79 -35.67 22.57
C ASN A 111 -15.55 -35.29 24.04
N SER A 112 -14.96 -36.19 24.84
CA SER A 112 -14.24 -37.40 24.42
C SER A 112 -14.16 -38.40 25.60
N ILE A 113 -13.58 -39.57 25.39
CA ILE A 113 -13.19 -40.45 26.48
C ILE A 113 -11.65 -40.63 26.43
N SER A 114 -11.08 -41.11 27.52
CA SER A 114 -9.64 -41.36 27.61
C SER A 114 -9.36 -42.33 28.76
N LEU A 115 -8.10 -42.68 28.92
CA LEU A 115 -7.66 -43.56 29.99
C LEU A 115 -7.24 -42.78 31.26
N LYS A 116 -7.43 -41.47 31.25
CA LYS A 116 -7.04 -40.57 32.38
C LYS A 116 -7.52 -41.08 33.75
N GLU A 117 -8.72 -41.64 33.81
CA GLU A 117 -9.30 -42.07 35.06
C GLU A 117 -9.23 -43.57 35.18
N GLY A 118 -8.39 -44.19 34.34
CA GLY A 118 -8.22 -45.62 34.43
C GLY A 118 -9.09 -46.43 33.46
N GLU A 119 -8.73 -47.69 33.38
CA GLU A 119 -9.28 -48.59 32.39
C GLU A 119 -10.75 -48.93 32.64
N GLU A 120 -11.10 -49.14 33.91
CA GLU A 120 -12.47 -49.53 34.24
C GLU A 120 -13.46 -48.42 33.81
N VAL A 121 -13.11 -47.17 34.11
CA VAL A 121 -13.95 -46.05 33.73
C VAL A 121 -14.06 -45.89 32.18
N PHE A 122 -12.94 -46.01 31.49
CA PHE A 122 -12.88 -45.95 30.03
C PHE A 122 -13.81 -47.00 29.44
N LEU A 123 -13.73 -48.21 29.94
CA LEU A 123 -14.52 -49.31 29.40
C LEU A 123 -16.02 -49.10 29.65
N GLU A 124 -16.35 -48.64 30.84
CA GLU A 124 -17.73 -48.32 31.20
C GLU A 124 -18.34 -47.27 30.25
N HIS A 125 -17.59 -46.19 30.02
CA HIS A 125 -18.05 -45.14 29.13
C HIS A 125 -18.19 -45.65 27.69
N ALA A 126 -17.20 -46.40 27.22
CA ALA A 126 -17.24 -46.94 25.88
C ALA A 126 -18.46 -47.83 25.69
N ARG A 127 -18.81 -48.57 26.73
CA ARG A 127 -19.97 -49.45 26.66
C ARG A 127 -21.26 -48.69 26.54
N ILE A 128 -21.36 -47.58 27.28
CA ILE A 128 -22.54 -46.72 27.19
C ILE A 128 -22.63 -46.09 25.80
N ILE A 129 -21.49 -45.65 25.28
CA ILE A 129 -21.42 -45.03 23.96
C ILE A 129 -21.84 -46.01 22.89
N LYS A 130 -21.33 -47.23 22.97
CA LYS A 130 -21.70 -48.24 22.00
C LYS A 130 -23.22 -48.52 22.05
N GLN A 131 -23.80 -48.50 23.24
CA GLN A 131 -25.25 -48.79 23.39
C GLN A 131 -26.07 -47.73 22.72
N TYR A 132 -25.61 -46.49 22.79
CA TYR A 132 -26.25 -45.41 22.04
C TYR A 132 -25.97 -45.40 20.53
N GLY A 133 -25.07 -46.24 20.03
CA GLY A 133 -24.75 -46.26 18.59
C GLY A 133 -23.89 -45.05 18.18
N ALA A 134 -23.28 -44.38 19.16
CA ALA A 134 -22.46 -43.18 18.91
C ALA A 134 -20.99 -43.51 18.59
N ALA A 135 -20.35 -42.64 17.80
CA ALA A 135 -18.91 -42.66 17.67
C ALA A 135 -18.24 -41.91 18.82
N THR A 136 -16.93 -42.10 18.99
CA THR A 136 -16.24 -41.36 20.05
C THR A 136 -14.83 -40.99 19.67
N VAL A 137 -14.47 -39.81 20.12
CA VAL A 137 -13.10 -39.36 20.18
C VAL A 137 -12.46 -39.97 21.42
N VAL A 138 -11.23 -40.41 21.24
CA VAL A 138 -10.39 -40.91 22.32
C VAL A 138 -9.16 -40.02 22.33
N ALA A 140 -5.44 -38.99 23.45
CA ALA A 140 -4.21 -39.65 23.85
C ALA A 140 -3.76 -39.14 25.24
N PHE A 141 -4.43 -39.69 26.27
CA PHE A 141 -4.22 -39.33 27.67
C PHE A 141 -4.48 -40.61 28.45
N ASP A 142 -3.51 -41.05 29.23
CA ASP A 142 -3.69 -42.28 30.03
C ASP A 142 -3.40 -42.03 31.49
N GLU A 143 -3.28 -43.11 32.28
CA GLU A 143 -3.06 -42.96 33.73
C GLU A 143 -1.73 -42.25 34.06
N LYS A 144 -0.85 -42.14 33.07
CA LYS A 144 0.46 -41.54 33.28
C LYS A 144 0.48 -40.08 32.85
N GLY A 145 -0.59 -39.61 32.21
CA GLY A 145 -0.63 -38.22 31.77
C GLY A 145 -0.96 -38.06 30.30
N GLN A 146 -0.85 -36.82 29.85
CA GLN A 146 -1.08 -36.47 28.46
C GLN A 146 0.08 -36.94 27.59
N ALA A 147 -0.24 -37.58 26.47
CA ALA A 147 0.78 -38.04 25.52
C ALA A 147 1.33 -36.85 24.74
N ASP A 148 2.59 -36.50 24.96
CA ASP A 148 3.19 -35.30 24.34
C ASP A 148 4.10 -35.70 23.15
N THR A 149 4.85 -36.79 23.33
CA THR A 149 5.76 -37.28 22.28
C THR A 149 5.06 -38.25 21.33
N ALA A 150 5.64 -38.45 20.15
CA ALA A 150 5.06 -39.38 19.17
C ALA A 150 4.93 -40.77 19.79
N ALA A 151 5.97 -41.23 20.49
CA ALA A 151 5.97 -42.57 21.13
C ALA A 151 4.82 -42.73 22.15
N ARG A 152 4.60 -41.70 22.96
CA ARG A 152 3.52 -41.72 23.93
C ARG A 152 2.17 -41.74 23.23
N LYS A 153 2.02 -40.94 22.19
CA LYS A 153 0.77 -40.85 21.46
C LYS A 153 0.40 -42.22 20.87
N ILE A 154 1.38 -42.88 20.28
CA ILE A 154 1.19 -44.20 19.70
C ILE A 154 0.89 -45.27 20.75
N GLU A 155 1.61 -45.21 21.87
CA GLU A 155 1.38 -46.13 22.97
C GLU A 155 -0.07 -46.06 23.45
N VAL A 156 -0.57 -44.87 23.73
CA VAL A 156 -1.92 -44.77 24.29
C VAL A 156 -2.98 -45.18 23.25
N CYS A 157 -2.81 -44.74 22.01
CA CYS A 157 -3.80 -45.04 20.97
C CYS A 157 -3.89 -46.53 20.66
N GLU A 158 -2.74 -47.20 20.53
CA GLU A 158 -2.73 -48.64 20.27
CA GLU A 158 -2.69 -48.65 20.30
C GLU A 158 -3.41 -49.40 21.41
N ARG A 159 -3.13 -49.02 22.66
CA ARG A 159 -3.75 -49.68 23.80
C ARG A 159 -5.25 -49.43 23.85
N ALA A 160 -5.66 -48.19 23.62
CA ALA A 160 -7.08 -47.82 23.56
C ALA A 160 -7.81 -48.55 22.42
N TYR A 161 -7.18 -48.65 21.27
CA TYR A 161 -7.81 -49.39 20.16
C TYR A 161 -8.07 -50.84 20.57
N ARG A 162 -7.06 -51.46 21.18
CA ARG A 162 -7.12 -52.86 21.56
C ARG A 162 -8.28 -53.07 22.56
N LEU A 163 -8.32 -52.24 23.59
CA LEU A 163 -9.38 -52.30 24.61
C LEU A 163 -10.75 -52.16 23.95
N LEU A 164 -10.90 -51.17 23.07
CA LEU A 164 -12.19 -50.88 22.48
C LEU A 164 -12.66 -52.04 21.57
N VAL A 165 -11.78 -52.47 20.68
CA VAL A 165 -12.14 -53.49 19.70
C VAL A 165 -12.26 -54.85 20.37
N ASP A 166 -11.33 -55.21 21.26
CA ASP A 166 -11.28 -56.55 21.83
C ASP A 166 -12.20 -56.72 23.04
N LYS A 167 -12.33 -55.71 23.89
CA LYS A 167 -13.09 -55.91 25.13
C LYS A 167 -14.50 -55.37 25.01
N VAL A 168 -14.69 -54.27 24.26
CA VAL A 168 -16.00 -53.66 24.15
C VAL A 168 -16.74 -54.09 22.87
N GLY A 169 -16.01 -54.62 21.90
CA GLY A 169 -16.61 -54.93 20.61
C GLY A 169 -16.98 -53.68 19.85
N PHE A 170 -16.26 -52.60 20.11
CA PHE A 170 -16.54 -51.31 19.51
C PHE A 170 -16.17 -51.33 18.02
N ASN A 171 -17.01 -50.72 17.20
CA ASN A 171 -16.73 -50.61 15.75
C ASN A 171 -15.52 -49.72 15.53
N PRO A 172 -14.45 -50.24 14.93
CA PRO A 172 -13.24 -49.45 14.74
C PRO A 172 -13.47 -48.19 13.90
N HIS A 173 -14.43 -48.22 12.98
CA HIS A 173 -14.74 -47.07 12.15
C HIS A 173 -15.39 -45.96 12.96
N ASP A 174 -15.85 -46.27 14.16
CA ASP A 174 -16.41 -45.28 15.07
C ASP A 174 -15.42 -44.73 16.12
N ILE A 175 -14.14 -45.06 15.98
CA ILE A 175 -13.11 -44.59 16.87
C ILE A 175 -12.39 -43.40 16.20
N ILE A 176 -12.34 -42.27 16.87
CA ILE A 176 -11.62 -41.13 16.38
C ILE A 176 -10.51 -40.81 17.39
N PHE A 177 -9.27 -41.08 17.01
CA PHE A 177 -8.16 -40.74 17.90
C PHE A 177 -7.79 -39.29 17.78
N ASP A 178 -7.56 -38.66 18.93
CA ASP A 178 -7.01 -37.33 18.98
C ASP A 178 -5.66 -37.43 19.68
N PRO A 179 -4.57 -37.44 18.91
CA PRO A 179 -3.27 -37.53 19.53
C PRO A 179 -2.77 -36.25 20.21
N ASN A 180 -3.58 -35.17 20.24
CA ASN A 180 -3.31 -33.93 20.98
C ASN A 180 -2.52 -32.94 20.14
N VAL A 181 -3.22 -31.92 19.66
CA VAL A 181 -2.56 -30.81 19.00
C VAL A 181 -2.23 -29.84 20.12
N LEU A 182 -0.93 -29.62 20.33
CA LEU A 182 -0.45 -28.77 21.41
C LEU A 182 0.29 -27.57 20.83
N ALA A 183 0.21 -26.42 21.50
CA ALA A 183 0.87 -25.18 21.07
C ALA A 183 2.37 -25.34 20.88
N VAL A 184 2.90 -24.76 19.81
CA VAL A 184 4.33 -24.66 19.59
C VAL A 184 4.74 -23.18 19.79
N ALA A 185 6.02 -22.91 19.62
CA ALA A 185 6.55 -21.57 19.77
C ALA A 185 6.08 -20.92 21.07
N THR A 186 6.16 -21.66 22.17
CA THR A 186 5.67 -21.22 23.45
C THR A 186 6.74 -20.56 24.31
N GLY A 187 7.98 -20.51 23.84
CA GLY A 187 9.12 -20.13 24.68
C GLY A 187 9.72 -21.31 25.47
N ILE A 188 9.12 -22.49 25.39
CA ILE A 188 9.61 -23.69 26.05
C ILE A 188 10.13 -24.63 24.98
N GLU A 189 11.44 -24.86 24.99
CA GLU A 189 12.10 -25.65 23.95
C GLU A 189 11.55 -27.08 23.85
N GLU A 190 11.08 -27.61 24.97
CA GLU A 190 10.53 -28.97 25.03
C GLU A 190 9.26 -29.11 24.17
N HIS A 191 8.67 -27.98 23.79
CA HIS A 191 7.45 -28.00 22.96
C HIS A 191 7.71 -27.95 21.46
N ASN A 192 8.96 -27.72 21.05
CA ASN A 192 9.24 -27.38 19.66
C ASN A 192 8.81 -28.46 18.66
N ASN A 193 8.80 -29.73 19.08
CA ASN A 193 8.49 -30.83 18.16
C ASN A 193 7.03 -31.29 18.20
N TYR A 194 6.17 -30.56 18.91
CA TYR A 194 4.80 -31.04 19.14
C TYR A 194 3.93 -31.26 17.90
N ALA A 195 4.06 -30.43 16.85
CA ALA A 195 3.31 -30.66 15.62
C ALA A 195 3.89 -31.86 14.89
N VAL A 196 5.20 -31.94 14.83
CA VAL A 196 5.84 -33.12 14.19
C VAL A 196 5.43 -34.41 14.91
N ASP A 197 5.38 -34.37 16.24
CA ASP A 197 4.96 -35.57 17.00
C ASP A 197 3.52 -36.01 16.65
N PHE A 198 2.64 -35.04 16.51
CA PHE A 198 1.27 -35.28 16.10
C PHE A 198 1.20 -35.92 14.71
N ILE A 199 1.95 -35.33 13.80
CA ILE A 199 1.94 -35.79 12.41
C ILE A 199 2.52 -37.20 12.33
N GLU A 200 3.58 -37.47 13.09
CA GLU A 200 4.17 -38.80 13.11
C GLU A 200 3.20 -39.83 13.72
N ALA A 201 2.55 -39.48 14.81
CA ALA A 201 1.59 -40.41 15.43
C ALA A 201 0.42 -40.67 14.47
N THR A 202 0.00 -39.63 13.75
CA THR A 202 -1.10 -39.73 12.78
C THR A 202 -0.79 -40.79 11.76
N GLY A 203 0.41 -40.70 11.17
CA GLY A 203 0.87 -41.67 10.18
C GLY A 203 0.85 -43.09 10.71
N TRP A 204 1.39 -43.28 11.91
CA TRP A 204 1.41 -44.59 12.50
C TRP A 204 0.01 -45.15 12.71
N ILE A 205 -0.88 -44.34 13.26
CA ILE A 205 -2.23 -44.78 13.58
C ILE A 205 -2.96 -45.24 12.32
N ARG A 206 -2.91 -44.43 11.28
CA ARG A 206 -3.64 -44.77 10.07
CA ARG A 206 -3.61 -44.75 10.03
C ARG A 206 -3.03 -45.98 9.38
N LYS A 207 -1.74 -46.24 9.58
CA LYS A 207 -1.16 -47.46 9.01
C LYS A 207 -1.38 -48.70 9.87
N ASN A 208 -1.55 -48.54 11.17
CA ASN A 208 -1.52 -49.70 12.08
C ASN A 208 -2.83 -50.06 12.82
N LEU A 209 -3.75 -49.13 12.93
CA LEU A 209 -5.00 -49.31 13.68
C LEU A 209 -6.19 -49.25 12.70
N PRO A 210 -6.55 -50.41 12.11
CA PRO A 210 -7.45 -50.41 10.98
C PRO A 210 -8.78 -49.75 11.26
N GLY A 211 -9.18 -48.85 10.36
CA GLY A 211 -10.49 -48.24 10.39
C GLY A 211 -10.63 -46.98 11.22
N ALA A 212 -9.71 -46.75 12.15
CA ALA A 212 -9.81 -45.63 13.07
C ALA A 212 -9.53 -44.34 12.37
N HIS A 213 -10.17 -43.28 12.81
CA HIS A 213 -9.96 -41.96 12.27
C HIS A 213 -8.96 -41.24 13.13
N VAL A 214 -8.39 -40.15 12.61
CA VAL A 214 -7.57 -39.24 13.40
C VAL A 214 -8.03 -37.81 13.19
N SER A 215 -8.23 -37.13 14.31
CA SER A 215 -8.66 -35.78 14.38
C SER A 215 -7.76 -35.02 15.39
N GLY A 216 -7.99 -33.73 15.46
CA GLY A 216 -7.26 -32.87 16.40
C GLY A 216 -7.90 -31.52 16.48
N GLY A 217 -7.61 -30.82 17.58
CA GLY A 217 -8.06 -29.45 17.76
C GLY A 217 -7.04 -28.50 17.16
N VAL A 218 -7.18 -28.22 15.87
CA VAL A 218 -6.17 -27.48 15.10
C VAL A 218 -5.81 -26.12 15.69
N SER A 219 -6.80 -25.37 16.15
CA SER A 219 -6.56 -24.00 16.62
C SER A 219 -5.67 -23.90 17.86
N ASN A 220 -5.56 -24.99 18.62
CA ASN A 220 -4.65 -25.03 19.78
C ASN A 220 -3.18 -24.88 19.38
N LEU A 221 -2.87 -25.27 18.15
CA LEU A 221 -1.49 -25.20 17.66
C LEU A 221 -0.89 -23.76 17.73
N SER A 222 -1.73 -22.78 17.48
CA SER A 222 -1.34 -21.39 17.16
C SER A 222 -1.56 -20.45 18.32
N PHE A 223 -1.78 -21.02 19.51
CA PHE A 223 -2.12 -20.26 20.71
CA PHE A 223 -2.15 -20.26 20.70
C PHE A 223 -1.10 -19.18 21.03
N SER A 224 0.17 -19.41 20.69
CA SER A 224 1.18 -18.40 20.99
C SER A 224 1.06 -17.15 20.12
N PHE A 225 0.23 -17.20 19.09
CA PHE A 225 0.04 -16.07 18.19
C PHE A 225 -1.37 -15.47 18.25
N ARG A 226 -2.02 -15.61 19.40
CA ARG A 226 -3.29 -14.92 19.62
CA ARG A 226 -3.30 -14.93 19.62
C ARG A 226 -3.11 -13.46 19.26
N GLY A 227 -4.04 -12.91 18.49
CA GLY A 227 -3.94 -11.52 18.03
C GLY A 227 -3.20 -11.32 16.71
N ASN A 228 -2.67 -12.39 16.12
CA ASN A 228 -2.13 -12.35 14.76
C ASN A 228 -2.89 -13.39 13.95
N ASN A 229 -4.07 -13.05 13.48
CA ASN A 229 -4.92 -14.04 12.89
C ASN A 229 -4.42 -14.59 11.57
N TYR A 230 -3.67 -13.79 10.80
CA TYR A 230 -3.11 -14.34 9.57
C TYR A 230 -2.13 -15.46 9.90
N ILE A 231 -1.26 -15.19 10.87
CA ILE A 231 -0.21 -16.11 11.23
C ILE A 231 -0.84 -17.40 11.76
N ARG A 232 -1.88 -17.26 12.54
CA ARG A 232 -2.60 -18.45 13.05
C ARG A 232 -3.18 -19.29 11.91
N GLU A 233 -3.87 -18.63 11.00
CA GLU A 233 -4.50 -19.34 9.90
C GLU A 233 -3.45 -19.96 8.96
N ALA A 234 -2.33 -19.27 8.76
CA ALA A 234 -1.23 -19.79 7.95
C ALA A 234 -0.62 -21.02 8.59
N HIS A 236 -2.25 -23.00 10.63
CA HIS A 236 -3.26 -24.06 10.48
C HIS A 236 -3.15 -24.72 9.10
N ALA A 237 -3.01 -23.90 8.06
CA ALA A 237 -2.98 -24.41 6.70
C ALA A 237 -1.76 -25.28 6.48
N VAL A 238 -0.63 -24.84 7.01
CA VAL A 238 0.61 -25.62 6.92
C VAL A 238 0.53 -26.97 7.68
N PHE A 239 0.00 -26.91 8.88
CA PHE A 239 -0.14 -28.09 9.72
C PHE A 239 -1.07 -29.10 9.03
N LEU A 240 -2.23 -28.63 8.57
CA LEU A 240 -3.17 -29.51 7.86
C LEU A 240 -2.58 -30.08 6.60
N TYR A 241 -1.85 -29.27 5.83
CA TYR A 241 -1.23 -29.78 4.62
C TYR A 241 -0.35 -31.00 4.91
N HIS A 242 0.45 -30.94 5.97
CA HIS A 242 1.37 -32.02 6.30
C HIS A 242 0.66 -33.16 7.04
N ALA A 243 -0.29 -32.83 7.91
CA ALA A 243 -1.03 -33.85 8.67
C ALA A 243 -1.94 -34.70 7.76
N ILE A 244 -2.60 -34.05 6.82
CA ILE A 244 -3.51 -34.74 5.89
C ILE A 244 -2.74 -35.73 5.04
N GLN A 245 -1.54 -35.37 4.65
CA GLN A 245 -0.74 -36.27 3.87
C GLN A 245 -0.35 -37.53 4.63
N GLN A 246 -0.33 -37.49 5.97
CA GLN A 246 -0.08 -38.66 6.77
C GLN A 246 -1.36 -39.42 7.12
N GLY A 247 -2.51 -38.89 6.75
CA GLY A 247 -3.78 -39.58 6.98
C GLY A 247 -4.72 -38.96 7.98
N ASP A 249 -7.81 -37.29 8.92
CA ASP A 249 -9.03 -37.28 8.12
C ASP A 249 -10.16 -36.51 8.72
N GLY A 251 -10.78 -32.86 11.55
CA GLY A 251 -10.19 -31.85 12.39
C GLY A 251 -11.21 -30.87 12.90
N ILE A 252 -11.00 -30.41 14.14
CA ILE A 252 -11.83 -29.35 14.70
C ILE A 252 -11.17 -28.05 14.27
N VAL A 253 -11.92 -27.28 13.48
CA VAL A 253 -11.41 -26.08 12.82
C VAL A 253 -12.43 -24.96 12.82
N ASN A 254 -11.94 -23.74 12.60
CA ASN A 254 -12.80 -22.64 12.23
C ASN A 254 -13.00 -22.72 10.75
N PRO A 255 -14.17 -23.17 10.28
CA PRO A 255 -14.35 -23.50 8.86
C PRO A 255 -14.43 -22.28 7.95
N GLY A 256 -14.54 -21.10 8.52
CA GLY A 256 -14.60 -19.87 7.71
C GLY A 256 -13.26 -19.49 7.10
N SER A 258 -10.63 -19.35 4.53
CA SER A 258 -9.54 -18.73 5.26
C SER A 258 -8.25 -18.54 4.37
N VAL A 259 -7.09 -18.88 4.90
CA VAL A 259 -5.79 -18.79 4.20
C VAL A 259 -5.50 -20.14 3.56
N LEU A 260 -5.15 -20.15 2.28
CA LEU A 260 -4.80 -21.40 1.59
C LEU A 260 -3.28 -21.64 1.57
N TYR A 261 -2.87 -22.89 1.75
CA TYR A 261 -1.46 -23.26 1.73
C TYR A 261 -0.72 -22.67 0.52
N SER A 262 -1.31 -22.86 -0.66
CA SER A 262 -0.78 -22.35 -1.94
C SER A 262 -0.59 -20.86 -2.06
N ASP A 263 -1.31 -20.09 -1.27
CA ASP A 263 -1.26 -18.62 -1.37
C ASP A 263 -0.23 -17.96 -0.44
N ILE A 264 0.37 -18.75 0.47
CA ILE A 264 1.36 -18.20 1.39
C ILE A 264 2.64 -17.89 0.64
N PRO A 265 3.07 -16.61 0.66
CA PRO A 265 4.32 -16.29 0.02
C PRO A 265 5.47 -17.16 0.51
N ALA A 266 6.40 -17.47 -0.40
CA ALA A 266 7.46 -18.45 -0.15
C ALA A 266 8.29 -18.15 1.11
N ASP A 267 8.71 -16.91 1.32
CA ASP A 267 9.52 -16.64 2.51
C ASP A 267 8.69 -16.72 3.79
N THR A 268 7.41 -16.35 3.70
CA THR A 268 6.54 -16.52 4.85
C THR A 268 6.30 -18.01 5.15
N LEU A 269 6.11 -18.78 4.09
CA LEU A 269 5.87 -20.23 4.24
C LEU A 269 7.07 -20.86 4.91
N GLU A 270 8.26 -20.46 4.48
CA GLU A 270 9.45 -21.03 5.05
C GLU A 270 9.50 -20.80 6.55
N LYS A 271 9.15 -19.61 6.99
CA LYS A 271 9.11 -19.32 8.43
C LYS A 271 8.05 -20.07 9.21
N ILE A 272 6.88 -20.28 8.60
CA ILE A 272 5.79 -21.00 9.25
C ILE A 272 6.14 -22.48 9.33
N GLU A 273 6.56 -23.04 8.19
CA GLU A 273 7.03 -24.42 8.14
C GLU A 273 8.24 -24.66 9.04
N ASP A 274 9.15 -23.70 9.16
CA ASP A 274 10.27 -23.87 10.10
C ASP A 274 9.75 -24.12 11.51
N VAL A 275 8.68 -23.45 11.90
CA VAL A 275 8.14 -23.66 13.22
C VAL A 275 7.33 -24.97 13.29
N VAL A 276 6.38 -25.15 12.37
CA VAL A 276 5.47 -26.28 12.45
C VAL A 276 6.25 -27.58 12.34
N LEU A 277 7.21 -27.62 11.43
CA LEU A 277 8.00 -28.83 11.21
C LEU A 277 9.36 -28.81 11.98
N ASN A 278 9.56 -27.82 12.86
CA ASN A 278 10.72 -27.77 13.78
C ASN A 278 12.06 -27.92 13.07
N ARG A 279 12.32 -27.09 12.06
CA ARG A 279 13.44 -27.29 11.18
C ARG A 279 14.69 -26.53 11.62
N ARG A 280 14.55 -25.59 12.54
CA ARG A 280 15.72 -24.94 13.10
C ARG A 280 15.35 -24.40 14.47
N PRO A 281 16.32 -24.34 15.37
CA PRO A 281 15.98 -24.02 16.76
C PRO A 281 15.58 -22.57 17.01
N ASP A 282 15.95 -21.66 16.12
CA ASP A 282 15.52 -20.24 16.23
C ASP A 282 14.24 -19.93 15.42
N ALA A 283 13.53 -20.99 14.99
CA ALA A 283 12.31 -20.85 14.17
C ALA A 283 11.25 -19.98 14.87
N ALA A 284 10.99 -20.26 16.14
CA ALA A 284 9.95 -19.52 16.89
C ALA A 284 10.29 -18.04 16.93
N GLU A 285 11.55 -17.74 17.22
CA GLU A 285 12.02 -16.38 17.35
C GLU A 285 11.84 -15.59 16.03
N ARG A 286 12.17 -16.23 14.91
CA ARG A 286 12.02 -15.61 13.61
C ARG A 286 10.53 -15.41 13.25
N LEU A 287 9.65 -16.30 13.68
CA LEU A 287 8.22 -16.15 13.36
C LEU A 287 7.61 -15.10 14.25
N ILE A 288 8.06 -15.04 15.51
CA ILE A 288 7.60 -13.98 16.40
C ILE A 288 8.02 -12.62 15.84
N GLU A 289 9.20 -12.54 15.27
CA GLU A 289 9.65 -11.30 14.67
C GLU A 289 8.73 -10.85 13.48
N LEU A 290 8.34 -11.81 12.64
CA LEU A 290 7.41 -11.54 11.52
C LEU A 290 6.06 -11.10 12.09
N ALA A 291 5.56 -11.79 13.12
CA ALA A 291 4.28 -11.46 13.72
C ALA A 291 4.26 -10.05 14.29
N GLU A 292 5.34 -9.63 14.97
CA GLU A 292 5.43 -8.27 15.49
C GLU A 292 5.42 -7.25 14.34
N ALA A 293 6.11 -7.55 13.25
CA ALA A 293 6.18 -6.61 12.12
C ALA A 293 4.80 -6.44 11.48
N LEU A 294 4.01 -7.51 11.42
CA LEU A 294 2.64 -7.44 10.84
C LEU A 294 1.59 -6.73 11.72
N LYS A 295 1.82 -6.62 13.03
CA LYS A 295 0.87 -5.91 13.92
C LYS A 295 1.53 -4.72 14.64
N GLU B 9 -5.20 15.52 -15.07
CA GLU B 9 -4.94 15.11 -16.49
C GLU B 9 -3.72 15.85 -17.05
N ILE B 10 -3.65 17.16 -16.85
CA ILE B 10 -2.41 17.92 -17.11
C ILE B 10 -1.36 17.58 -16.01
N ASN B 11 -1.83 17.11 -14.85
CA ASN B 11 -0.92 16.62 -13.83
C ASN B 11 -0.44 15.14 -14.05
N PHE B 12 -1.24 14.33 -14.76
CA PHE B 12 -1.01 12.89 -14.91
C PHE B 12 0.24 12.55 -15.73
N VAL B 13 1.09 11.69 -15.18
CA VAL B 13 2.29 11.23 -15.86
C VAL B 13 2.07 9.89 -16.52
N ASN B 14 2.10 9.86 -17.84
CA ASN B 14 1.99 8.61 -18.58
C ASN B 14 3.33 7.92 -18.64
N ILE B 15 3.37 6.66 -18.17
CA ILE B 15 4.53 5.81 -18.24
C ILE B 15 4.31 4.84 -19.40
N GLY B 16 5.15 4.92 -20.41
CA GLY B 16 5.04 4.05 -21.55
C GLY B 16 5.28 2.59 -21.20
N GLU B 17 4.36 1.72 -21.60
CA GLU B 17 4.41 0.32 -21.21
C GLU B 17 5.10 -0.60 -22.21
N ARG B 18 5.34 -0.13 -23.43
CA ARG B 18 5.58 -1.04 -24.53
C ARG B 18 6.98 -1.66 -24.60
N CYS B 19 7.99 -1.06 -23.95
CA CYS B 19 9.34 -1.68 -23.95
C CYS B 19 9.41 -2.79 -22.90
N ASN B 20 8.58 -3.82 -23.08
CA ASN B 20 8.37 -4.85 -22.10
C ASN B 20 8.23 -6.15 -22.87
N VAL B 21 9.20 -7.06 -22.73
CA VAL B 21 9.23 -8.30 -23.52
C VAL B 21 8.08 -9.25 -23.13
N ALA B 22 7.52 -9.10 -21.94
CA ALA B 22 6.39 -9.94 -21.53
C ALA B 22 5.07 -9.27 -21.91
N GLY B 23 5.09 -7.97 -22.20
CA GLY B 23 3.88 -7.23 -22.56
C GLY B 23 3.72 -6.86 -24.01
N SER B 24 4.77 -7.08 -24.82
CA SER B 24 4.72 -6.81 -26.25
C SER B 24 5.47 -7.88 -27.00
N ARG B 25 4.74 -8.65 -27.80
CA ARG B 25 5.34 -9.72 -28.58
C ARG B 25 6.38 -9.16 -29.56
N LYS B 26 6.09 -8.00 -30.14
CA LYS B 26 6.99 -7.35 -31.05
C LYS B 26 8.30 -6.98 -30.33
N PHE B 27 8.20 -6.34 -29.16
CA PHE B 27 9.41 -5.89 -28.47
C PHE B 27 10.27 -7.09 -28.15
N LEU B 28 9.65 -8.14 -27.63
CA LEU B 28 10.38 -9.39 -27.37
C LEU B 28 11.14 -9.89 -28.60
N ARG B 29 10.49 -9.89 -29.76
CA ARG B 29 11.15 -10.39 -31.00
C ARG B 29 12.33 -9.47 -31.36
N LEU B 30 12.14 -8.16 -31.25
CA LEU B 30 13.20 -7.24 -31.62
C LEU B 30 14.44 -7.45 -30.73
N VAL B 31 14.23 -7.57 -29.43
CA VAL B 31 15.33 -7.78 -28.50
C VAL B 31 16.01 -9.11 -28.85
N ASN B 32 15.22 -10.18 -28.95
CA ASN B 32 15.79 -11.50 -29.24
C ASN B 32 16.56 -11.54 -30.57
N GLU B 33 16.12 -10.79 -31.57
CA GLU B 33 16.81 -10.71 -32.84
C GLU B 33 17.91 -9.64 -32.86
N LYS B 34 18.15 -9.00 -31.71
CA LYS B 34 19.18 -7.95 -31.62
C LYS B 34 18.95 -6.81 -32.61
N LYS B 35 17.68 -6.49 -32.85
CA LYS B 35 17.32 -5.34 -33.68
C LYS B 35 17.12 -4.16 -32.71
N TYR B 36 18.19 -3.77 -32.06
CA TYR B 36 18.10 -2.79 -30.98
C TYR B 36 17.69 -1.40 -31.47
N ASP B 37 18.02 -1.06 -32.72
CA ASP B 37 17.58 0.19 -33.33
C ASP B 37 16.05 0.25 -33.41
N GLU B 38 15.45 -0.82 -33.89
CA GLU B 38 13.98 -0.92 -33.96
C GLU B 38 13.33 -0.96 -32.57
N ALA B 39 13.96 -1.64 -31.62
CA ALA B 39 13.45 -1.63 -30.29
C ALA B 39 13.50 -0.21 -29.69
N LEU B 40 14.58 0.50 -29.98
CA LEU B 40 14.72 1.88 -29.56
C LEU B 40 13.62 2.79 -30.18
N SER B 41 13.21 2.51 -31.41
CA SER B 41 12.11 3.26 -32.01
C SER B 41 10.79 3.15 -31.24
N ILE B 42 10.55 2.02 -30.60
CA ILE B 42 9.36 1.85 -29.77
C ILE B 42 9.42 2.79 -28.55
N ALA B 43 10.58 2.90 -27.90
CA ALA B 43 10.77 3.91 -26.86
C ALA B 43 10.56 5.32 -27.41
N ARG B 44 11.19 5.66 -28.52
CA ARG B 44 11.09 7.00 -29.10
C ARG B 44 9.64 7.39 -29.42
N GLN B 45 8.92 6.49 -30.09
CA GLN B 45 7.55 6.73 -30.44
C GLN B 45 6.68 6.98 -29.20
N GLN B 46 6.96 6.26 -28.12
CA GLN B 46 6.22 6.49 -26.88
C GLN B 46 6.47 7.90 -26.34
N VAL B 47 7.71 8.36 -26.38
CA VAL B 47 8.02 9.71 -25.92
C VAL B 47 7.30 10.74 -26.81
N GLU B 48 7.25 10.46 -28.09
CA GLU B 48 6.56 11.33 -29.04
C GLU B 48 5.07 11.37 -28.75
N ASP B 49 4.49 10.25 -28.32
CA ASP B 49 3.09 10.14 -27.94
C ASP B 49 2.78 10.69 -26.53
N GLY B 50 3.76 11.26 -25.85
CA GLY B 50 3.55 11.99 -24.60
C GLY B 50 4.00 11.25 -23.34
N ALA B 51 4.56 10.04 -23.49
CA ALA B 51 5.07 9.35 -22.32
C ALA B 51 6.19 10.21 -21.68
N LEU B 52 6.13 10.35 -20.36
CA LEU B 52 7.14 11.12 -19.64
C LEU B 52 8.10 10.26 -18.84
N VAL B 53 7.86 8.94 -18.86
CA VAL B 53 8.70 7.94 -18.25
C VAL B 53 8.60 6.73 -19.21
N ILE B 54 9.69 5.99 -19.38
CA ILE B 54 9.67 4.75 -20.22
C ILE B 54 9.90 3.53 -19.32
N ASP B 55 8.92 2.63 -19.22
CA ASP B 55 9.09 1.38 -18.48
C ASP B 55 9.86 0.39 -19.36
N VAL B 56 10.92 -0.22 -18.81
CA VAL B 56 11.70 -1.24 -19.57
C VAL B 56 11.71 -2.55 -18.82
N ASN B 57 11.24 -3.62 -19.46
CA ASN B 57 11.14 -4.95 -18.82
C ASN B 57 11.72 -6.00 -19.77
N ASP B 59 12.39 -9.31 -18.64
CA ASP B 59 12.23 -10.61 -17.96
C ASP B 59 11.57 -11.61 -18.89
N ASP B 60 12.37 -12.49 -19.46
CA ASP B 60 11.85 -13.61 -20.25
C ASP B 60 12.87 -14.73 -20.20
N GLY B 61 12.39 -15.98 -20.22
CA GLY B 61 13.27 -17.13 -20.15
C GLY B 61 14.27 -17.22 -21.29
N LEU B 62 13.97 -16.63 -22.42
CA LEU B 62 14.91 -16.66 -23.56
C LEU B 62 16.07 -15.66 -23.43
N LEU B 63 15.96 -14.70 -22.52
CA LEU B 63 16.90 -13.58 -22.48
C LEU B 63 17.71 -13.56 -21.21
N ASP B 64 18.95 -13.08 -21.34
CA ASP B 64 19.76 -12.68 -20.19
C ASP B 64 19.27 -11.26 -19.84
N ALA B 65 18.28 -11.22 -18.97
CA ALA B 65 17.61 -10.00 -18.57
C ALA B 65 18.54 -8.87 -18.21
N ARG B 66 19.52 -9.17 -17.38
CA ARG B 66 20.43 -8.17 -16.88
C ARG B 66 21.22 -7.53 -18.03
N THR B 67 21.69 -8.33 -18.97
CA THR B 67 22.49 -7.82 -20.05
C THR B 67 21.64 -7.04 -21.04
N GLU B 68 20.43 -7.53 -21.31
CA GLU B 68 19.53 -6.82 -22.19
C GLU B 68 19.15 -5.48 -21.56
N THR B 70 20.94 -3.53 -19.32
CA THR B 70 22.04 -2.59 -19.45
C THR B 70 22.28 -2.17 -20.92
N THR B 71 22.14 -3.09 -21.86
CA THR B 71 22.30 -2.73 -23.26
C THR B 71 21.28 -1.66 -23.66
N PHE B 72 20.01 -1.90 -23.36
CA PHE B 72 18.96 -1.03 -23.81
C PHE B 72 19.03 0.36 -23.09
N LEU B 73 19.34 0.35 -21.81
CA LEU B 73 19.45 1.58 -21.06
C LEU B 73 20.61 2.43 -21.57
N ASN B 74 21.75 1.81 -21.82
CA ASN B 74 22.86 2.49 -22.44
C ASN B 74 22.53 3.08 -23.80
N LEU B 75 21.85 2.33 -24.65
CA LEU B 75 21.45 2.83 -25.94
C LEU B 75 20.48 4.01 -25.79
N ILE B 76 19.52 3.90 -24.89
CA ILE B 76 18.64 5.06 -24.59
C ILE B 76 19.45 6.32 -24.26
N SER B 78 22.24 7.14 -25.26
CA SER B 78 22.92 7.66 -26.44
C SER B 78 22.00 8.46 -27.37
N GLU B 79 20.70 8.45 -27.10
CA GLU B 79 19.72 9.07 -27.96
CA GLU B 79 19.73 9.11 -27.97
C GLU B 79 19.03 10.24 -27.22
N PRO B 80 19.47 11.50 -27.48
CA PRO B 80 18.94 12.67 -26.73
C PRO B 80 17.41 12.75 -26.67
N GLU B 81 16.73 12.43 -27.77
CA GLU B 81 15.27 12.39 -27.83
C GLU B 81 14.59 11.41 -26.88
N ILE B 82 15.31 10.39 -26.44
CA ILE B 82 14.74 9.44 -25.49
C ILE B 82 15.34 9.63 -24.10
N ALA B 83 16.60 10.07 -24.05
CA ALA B 83 17.33 10.19 -22.78
C ALA B 83 16.76 11.33 -21.90
N ARG B 84 15.99 12.22 -22.55
CA ARG B 84 15.29 13.35 -21.87
CA ARG B 84 15.27 13.34 -21.91
C ARG B 84 14.16 12.92 -20.93
N VAL B 85 13.84 11.64 -20.84
CA VAL B 85 12.83 11.22 -19.87
C VAL B 85 13.37 10.11 -19.02
N PRO B 86 12.91 10.04 -17.79
CA PRO B 86 13.38 8.97 -16.93
C PRO B 86 13.00 7.56 -17.40
N VAL B 87 13.84 6.61 -17.04
CA VAL B 87 13.60 5.21 -17.30
C VAL B 87 13.12 4.54 -16.02
N ILE B 89 12.88 1.01 -14.36
CA ILE B 89 13.56 -0.25 -14.48
C ILE B 89 12.62 -1.36 -13.91
N ASP B 90 12.08 -2.17 -14.80
CA ASP B 90 10.99 -3.10 -14.46
C ASP B 90 11.51 -4.51 -14.48
N SER B 91 11.76 -5.06 -13.30
CA SER B 91 12.13 -6.48 -13.20
C SER B 91 11.67 -7.09 -11.90
N SER B 92 11.41 -8.40 -11.92
CA SER B 92 11.16 -9.13 -10.67
C SER B 92 12.49 -9.52 -9.99
N LYS B 93 13.64 -9.33 -10.66
CA LYS B 93 14.90 -9.74 -10.10
C LYS B 93 15.72 -8.55 -9.65
N TRP B 94 16.08 -8.54 -8.36
CA TRP B 94 16.83 -7.45 -7.80
C TRP B 94 18.15 -7.22 -8.57
N GLU B 95 18.85 -8.27 -8.97
CA GLU B 95 20.14 -8.11 -9.66
CA GLU B 95 20.14 -8.08 -9.66
C GLU B 95 19.97 -7.30 -10.97
N VAL B 96 18.82 -7.47 -11.63
CA VAL B 96 18.54 -6.73 -12.85
C VAL B 96 18.33 -5.28 -12.51
N ILE B 97 17.51 -5.02 -11.50
CA ILE B 97 17.31 -3.67 -11.02
C ILE B 97 18.62 -2.96 -10.67
N GLU B 98 19.47 -3.63 -9.91
N GLU B 98 19.48 -3.60 -9.89
CA GLU B 98 20.71 -2.98 -9.46
CA GLU B 98 20.69 -2.90 -9.47
C GLU B 98 21.65 -2.72 -10.64
C GLU B 98 21.68 -2.72 -10.64
N ALA B 99 21.68 -3.63 -11.61
CA ALA B 99 22.46 -3.41 -12.84
C ALA B 99 21.97 -2.15 -13.59
N GLY B 100 20.66 -1.99 -13.68
CA GLY B 100 20.09 -0.81 -14.32
C GLY B 100 20.42 0.47 -13.57
N LEU B 101 20.31 0.44 -12.22
CA LEU B 101 20.72 1.57 -11.37
C LEU B 101 22.18 1.95 -11.58
N LYS B 102 23.07 0.94 -11.61
CA LYS B 102 24.51 1.20 -11.77
C LYS B 102 24.78 1.86 -13.13
N CYS B 103 24.03 1.40 -14.09
CA CYS B 103 24.17 1.78 -15.45
C CYS B 103 23.72 3.22 -15.72
N LEU B 104 22.55 3.57 -15.23
CA LEU B 104 21.97 4.88 -15.51
C LEU B 104 22.69 6.03 -14.77
N GLN B 105 22.77 7.20 -15.41
CA GLN B 105 23.32 8.41 -14.77
C GLN B 105 22.15 9.22 -14.18
N GLY B 106 21.64 8.78 -13.01
CA GLY B 106 20.40 9.32 -12.36
C GLY B 106 19.13 9.10 -13.20
N LYS B 107 18.09 9.91 -12.97
CA LYS B 107 16.84 9.83 -13.78
C LYS B 107 16.34 8.40 -13.89
N SER B 108 16.22 7.74 -12.74
CA SER B 108 15.68 6.40 -12.77
C SER B 108 14.67 6.09 -11.69
N ILE B 109 13.78 5.18 -12.03
CA ILE B 109 12.74 4.75 -11.12
C ILE B 109 12.75 3.24 -11.05
N VAL B 110 12.81 2.70 -9.85
CA VAL B 110 12.75 1.26 -9.66
C VAL B 110 11.31 0.78 -9.71
N ASN B 111 11.08 -0.28 -10.48
CA ASN B 111 9.81 -0.94 -10.56
C ASN B 111 10.02 -2.46 -10.42
N SER B 112 10.03 -3.00 -9.19
CA SER B 112 9.56 -2.32 -7.99
C SER B 112 10.15 -2.99 -6.71
N ILE B 113 9.80 -2.48 -5.54
CA ILE B 113 10.05 -3.17 -4.25
C ILE B 113 8.72 -3.43 -3.53
N SER B 114 8.74 -4.35 -2.58
CA SER B 114 7.52 -4.72 -1.83
C SER B 114 7.94 -5.41 -0.55
N LEU B 115 6.97 -5.74 0.28
CA LEU B 115 7.21 -6.42 1.55
C LEU B 115 7.09 -7.96 1.39
N LYS B 116 6.95 -8.45 0.17
CA LYS B 116 6.76 -9.89 -0.12
C LYS B 116 7.82 -10.80 0.51
N GLU B 117 9.06 -10.32 0.56
CA GLU B 117 10.16 -11.08 1.08
C GLU B 117 10.52 -10.61 2.49
N GLY B 118 9.63 -9.86 3.13
CA GLY B 118 9.88 -9.43 4.48
C GLY B 118 10.48 -8.03 4.60
N GLU B 119 10.46 -7.55 5.82
CA GLU B 119 10.83 -6.18 6.12
C GLU B 119 12.34 -5.89 5.94
N GLU B 120 13.17 -6.82 6.36
CA GLU B 120 14.63 -6.65 6.23
C GLU B 120 15.04 -6.47 4.76
N VAL B 121 14.52 -7.32 3.87
CA VAL B 121 14.84 -7.21 2.44
C VAL B 121 14.34 -5.87 1.86
N PHE B 122 13.11 -5.51 2.19
CA PHE B 122 12.50 -4.27 1.76
C PHE B 122 13.36 -3.08 2.15
N LEU B 123 13.76 -3.04 3.43
CA LEU B 123 14.53 -1.89 3.93
C LEU B 123 15.91 -1.82 3.25
N GLU B 124 16.52 -2.97 3.05
CA GLU B 124 17.83 -3.02 2.41
C GLU B 124 17.76 -2.50 0.96
N HIS B 125 16.74 -2.91 0.23
CA HIS B 125 16.55 -2.45 -1.13
C HIS B 125 16.30 -0.94 -1.17
N ALA B 126 15.42 -0.47 -0.28
CA ALA B 126 15.11 0.95 -0.20
C ALA B 126 16.36 1.78 0.07
N ARG B 127 17.24 1.27 0.91
CA ARG B 127 18.48 2.00 1.24
C ARG B 127 19.39 2.11 0.04
N ILE B 128 19.49 1.04 -0.74
CA ILE B 128 20.30 1.07 -1.96
C ILE B 128 19.68 2.08 -2.93
N ILE B 129 18.35 2.06 -3.07
CA ILE B 129 17.67 2.95 -4.00
C ILE B 129 17.93 4.40 -3.58
N LYS B 130 17.84 4.66 -2.30
CA LYS B 130 18.07 6.00 -1.80
C LYS B 130 19.50 6.48 -2.09
N GLN B 131 20.49 5.57 -1.94
CA GLN B 131 21.90 5.88 -2.22
CA GLN B 131 21.91 5.87 -2.22
C GLN B 131 22.08 6.28 -3.68
N TYR B 132 21.35 5.62 -4.57
CA TYR B 132 21.38 5.97 -5.99
C TYR B 132 20.58 7.24 -6.32
N GLY B 133 19.80 7.77 -5.38
CA GLY B 133 19.02 8.98 -5.62
C GLY B 133 17.81 8.67 -6.52
N ALA B 134 17.42 7.40 -6.63
CA ALA B 134 16.31 6.98 -7.49
C ALA B 134 14.97 7.01 -6.75
N ALA B 135 13.89 7.08 -7.51
CA ALA B 135 12.55 6.93 -6.99
C ALA B 135 12.19 5.44 -7.05
N THR B 136 11.13 5.05 -6.35
CA THR B 136 10.73 3.64 -6.42
C THR B 136 9.20 3.46 -6.37
N VAL B 137 8.75 2.50 -7.16
CA VAL B 137 7.43 1.96 -7.04
C VAL B 137 7.44 0.96 -5.89
N VAL B 138 6.35 0.98 -5.12
CA VAL B 138 6.13 0.02 -4.04
C VAL B 138 4.83 -0.71 -4.34
N ALA B 140 1.66 -3.06 -3.55
CA ALA B 140 0.86 -3.43 -2.39
C ALA B 140 0.89 -4.96 -2.26
N PHE B 141 1.99 -5.47 -1.74
CA PHE B 141 2.22 -6.92 -1.61
C PHE B 141 3.07 -7.05 -0.36
N ASP B 142 2.59 -7.83 0.60
CA ASP B 142 3.35 -7.97 1.85
C ASP B 142 3.55 -9.44 2.17
N GLU B 143 3.97 -9.74 3.41
CA GLU B 143 4.28 -11.12 3.79
C GLU B 143 3.06 -12.05 3.74
N LYS B 144 1.88 -11.45 3.71
CA LYS B 144 0.62 -12.18 3.72
C LYS B 144 0.08 -12.38 2.32
N GLY B 145 0.68 -11.73 1.33
CA GLY B 145 0.20 -11.86 -0.05
C GLY B 145 -0.05 -10.53 -0.74
N GLN B 146 -0.60 -10.66 -1.95
CA GLN B 146 -0.97 -9.52 -2.76
C GLN B 146 -2.20 -8.85 -2.17
N ALA B 147 -2.19 -7.53 -2.04
CA ALA B 147 -3.34 -6.79 -1.54
C ALA B 147 -4.43 -6.74 -2.61
N ASP B 148 -5.55 -7.40 -2.37
CA ASP B 148 -6.65 -7.47 -3.35
C ASP B 148 -7.79 -6.50 -3.02
N THR B 149 -8.12 -6.37 -1.74
CA THR B 149 -9.21 -5.50 -1.30
C THR B 149 -8.71 -4.09 -0.99
N ALA B 150 -9.60 -3.12 -0.91
CA ALA B 150 -9.21 -1.75 -0.55
C ALA B 150 -8.51 -1.72 0.80
N ALA B 151 -9.08 -2.43 1.78
CA ALA B 151 -8.51 -2.45 3.13
C ALA B 151 -7.07 -2.99 3.11
N ARG B 152 -6.82 -4.06 2.35
CA ARG B 152 -5.49 -4.63 2.28
C ARG B 152 -4.52 -3.65 1.60
N LYS B 153 -4.96 -3.05 0.51
CA LYS B 153 -4.12 -2.12 -0.24
C LYS B 153 -3.68 -1.00 0.66
N ILE B 154 -4.61 -0.44 1.42
CA ILE B 154 -4.32 0.65 2.35
C ILE B 154 -3.38 0.24 3.48
N GLU B 155 -3.61 -0.95 4.04
CA GLU B 155 -2.83 -1.49 5.12
C GLU B 155 -1.35 -1.58 4.70
N VAL B 156 -1.09 -2.16 3.53
CA VAL B 156 0.27 -2.35 3.07
C VAL B 156 0.90 -0.99 2.77
N CYS B 157 0.21 -0.12 2.04
CA CYS B 157 0.82 1.17 1.67
C CYS B 157 1.13 2.05 2.87
N GLU B 158 0.24 2.08 3.86
CA GLU B 158 0.48 2.88 5.06
CA GLU B 158 0.46 2.87 5.06
C GLU B 158 1.73 2.39 5.76
N ARG B 159 1.85 1.06 5.89
CA ARG B 159 2.99 0.46 6.55
C ARG B 159 4.29 0.71 5.80
N ALA B 160 4.24 0.52 4.51
CA ALA B 160 5.41 0.78 3.65
C ALA B 160 5.84 2.25 3.73
N TYR B 161 4.87 3.15 3.75
CA TYR B 161 5.19 4.59 3.83
C TYR B 161 5.94 4.86 5.13
N ARG B 162 5.38 4.36 6.23
CA ARG B 162 5.99 4.54 7.55
CA ARG B 162 6.01 4.55 7.54
C ARG B 162 7.44 4.03 7.54
N LEU B 163 7.62 2.80 7.10
CA LEU B 163 8.96 2.19 7.04
C LEU B 163 9.92 3.06 6.23
N LEU B 164 9.48 3.50 5.05
CA LEU B 164 10.35 4.23 4.16
C LEU B 164 10.71 5.60 4.75
N VAL B 165 9.70 6.34 5.20
CA VAL B 165 9.91 7.68 5.69
C VAL B 165 10.62 7.65 7.05
N ASP B 166 10.18 6.81 7.98
CA ASP B 166 10.70 6.82 9.37
C ASP B 166 12.01 6.04 9.52
N LYS B 167 12.19 4.93 8.80
CA LYS B 167 13.38 4.12 9.02
C LYS B 167 14.48 4.37 7.98
N VAL B 168 14.10 4.63 6.73
CA VAL B 168 15.09 4.84 5.67
C VAL B 168 15.37 6.33 5.41
N GLY B 169 14.49 7.21 5.87
CA GLY B 169 14.60 8.64 5.56
C GLY B 169 14.36 8.91 4.10
N PHE B 170 13.59 8.03 3.45
CA PHE B 170 13.25 8.14 2.05
C PHE B 170 12.36 9.37 1.81
N ASN B 171 12.63 10.09 0.72
CA ASN B 171 11.83 11.23 0.34
C ASN B 171 10.44 10.74 -0.09
N PRO B 172 9.39 11.21 0.59
CA PRO B 172 8.03 10.76 0.26
C PRO B 172 7.62 11.05 -1.18
N HIS B 173 8.14 12.15 -1.76
CA HIS B 173 7.83 12.50 -3.13
C HIS B 173 8.43 11.50 -4.11
N ASP B 174 9.35 10.66 -3.65
CA ASP B 174 10.00 9.65 -4.49
C ASP B 174 9.37 8.26 -4.32
N ILE B 175 8.29 8.20 -3.56
CA ILE B 175 7.54 6.96 -3.35
C ILE B 175 6.37 6.90 -4.33
N ILE B 176 6.27 5.83 -5.10
CA ILE B 176 5.16 5.64 -6.00
C ILE B 176 4.44 4.34 -5.58
N PHE B 177 3.26 4.44 -4.97
CA PHE B 177 2.53 3.23 -4.62
C PHE B 177 1.77 2.68 -5.81
N ASP B 178 1.80 1.36 -5.91
CA ASP B 178 1.01 0.65 -6.90
C ASP B 178 0.09 -0.29 -6.16
N PRO B 179 -1.17 0.11 -5.96
CA PRO B 179 -2.06 -0.72 -5.18
C PRO B 179 -2.58 -1.95 -5.93
N ASN B 180 -2.07 -2.20 -7.15
CA ASN B 180 -2.35 -3.38 -7.99
C ASN B 180 -3.63 -3.24 -8.80
N VAL B 181 -3.48 -2.96 -10.10
CA VAL B 181 -4.57 -3.05 -11.04
C VAL B 181 -4.68 -4.53 -11.42
N LEU B 182 -5.82 -5.11 -11.10
CA LEU B 182 -6.06 -6.53 -11.35
C LEU B 182 -7.23 -6.68 -12.31
N ALA B 183 -7.20 -7.73 -13.14
CA ALA B 183 -8.23 -8.00 -14.13
C ALA B 183 -9.61 -8.15 -13.50
N VAL B 184 -10.61 -7.57 -14.15
CA VAL B 184 -12.02 -7.78 -13.83
C VAL B 184 -12.67 -8.62 -14.94
N ALA B 185 -13.96 -8.94 -14.77
CA ALA B 185 -14.73 -9.73 -15.73
C ALA B 185 -14.03 -11.04 -16.08
N THR B 186 -13.55 -11.72 -15.05
CA THR B 186 -12.73 -12.91 -15.20
C THR B 186 -13.53 -14.20 -15.09
N GLY B 187 -14.84 -14.12 -14.82
CA GLY B 187 -15.65 -15.29 -14.50
C GLY B 187 -15.61 -15.66 -13.01
N ILE B 188 -14.78 -14.97 -12.24
CA ILE B 188 -14.65 -15.21 -10.80
C ILE B 188 -15.26 -14.02 -10.08
N GLU B 189 -16.35 -14.27 -9.39
CA GLU B 189 -17.15 -13.22 -8.80
C GLU B 189 -16.36 -12.41 -7.74
N GLU B 190 -15.39 -13.06 -7.10
CA GLU B 190 -14.55 -12.42 -6.07
C GLU B 190 -13.67 -11.30 -6.68
N HIS B 191 -13.55 -11.26 -8.00
CA HIS B 191 -12.76 -10.22 -8.67
C HIS B 191 -13.56 -8.99 -9.09
N ASN B 192 -14.89 -9.04 -8.92
CA ASN B 192 -15.74 -8.00 -9.50
C ASN B 192 -15.44 -6.59 -9.04
N ASN B 193 -14.97 -6.44 -7.81
CA ASN B 193 -14.73 -5.11 -7.21
C ASN B 193 -13.29 -4.62 -7.31
N TYR B 194 -12.45 -5.31 -8.08
CA TYR B 194 -11.01 -5.01 -8.07
C TYR B 194 -10.64 -3.61 -8.57
N ALA B 195 -11.36 -3.03 -9.55
CA ALA B 195 -11.09 -1.65 -9.98
C ALA B 195 -11.60 -0.66 -8.96
N VAL B 196 -12.79 -0.89 -8.41
CA VAL B 196 -13.29 -0.06 -7.31
C VAL B 196 -12.32 -0.06 -6.11
N ASP B 197 -11.78 -1.22 -5.79
CA ASP B 197 -10.83 -1.33 -4.66
C ASP B 197 -9.58 -0.48 -4.90
N PHE B 198 -9.06 -0.53 -6.12
CA PHE B 198 -7.94 0.28 -6.52
C PHE B 198 -8.24 1.75 -6.38
N ILE B 199 -9.39 2.15 -6.89
CA ILE B 199 -9.78 3.56 -6.86
C ILE B 199 -9.98 4.05 -5.42
N GLU B 200 -10.63 3.25 -4.58
CA GLU B 200 -10.80 3.63 -3.19
C GLU B 200 -9.43 3.75 -2.46
N ALA B 201 -8.53 2.81 -2.71
CA ALA B 201 -7.21 2.85 -2.05
C ALA B 201 -6.42 4.09 -2.52
N THR B 202 -6.53 4.40 -3.80
CA THR B 202 -5.90 5.58 -4.39
C THR B 202 -6.29 6.85 -3.63
N GLY B 203 -7.60 7.04 -3.44
CA GLY B 203 -8.11 8.19 -2.69
C GLY B 203 -7.57 8.26 -1.29
N TRP B 204 -7.57 7.15 -0.59
CA TRP B 204 -7.08 7.11 0.75
C TRP B 204 -5.63 7.49 0.81
N ILE B 205 -4.84 6.90 -0.07
CA ILE B 205 -3.40 7.15 -0.11
C ILE B 205 -3.10 8.63 -0.35
N ARG B 206 -3.72 9.22 -1.36
CA ARG B 206 -3.43 10.61 -1.67
CA ARG B 206 -3.46 10.61 -1.68
C ARG B 206 -3.96 11.55 -0.59
N LYS B 207 -4.94 11.13 0.19
CA LYS B 207 -5.37 11.96 1.30
C LYS B 207 -4.54 11.79 2.55
N ASN B 208 -3.92 10.63 2.74
CA ASN B 208 -3.31 10.28 4.05
C ASN B 208 -1.80 10.08 4.08
N LEU B 209 -1.19 9.78 2.94
CA LEU B 209 0.25 9.57 2.87
C LEU B 209 0.91 10.72 2.11
N PRO B 210 1.33 11.78 2.83
CA PRO B 210 1.74 13.01 2.16
C PRO B 210 2.87 12.82 1.15
N GLY B 211 2.66 13.33 -0.06
CA GLY B 211 3.69 13.43 -1.06
C GLY B 211 3.83 12.21 -1.94
N ALA B 212 3.25 11.08 -1.53
CA ALA B 212 3.40 9.85 -2.30
C ALA B 212 2.57 9.91 -3.55
N HIS B 213 3.04 9.25 -4.59
CA HIS B 213 2.30 9.13 -5.84
C HIS B 213 1.57 7.81 -5.88
N VAL B 214 0.64 7.69 -6.82
CA VAL B 214 -0.05 6.46 -7.06
C VAL B 214 -0.04 6.19 -8.56
N SER B 215 0.37 4.97 -8.90
CA SER B 215 0.45 4.48 -10.22
C SER B 215 -0.18 3.09 -10.25
N GLY B 216 -0.20 2.54 -11.45
CA GLY B 216 -0.83 1.24 -11.70
C GLY B 216 -0.55 0.82 -13.11
N GLY B 217 -0.53 -0.50 -13.31
CA GLY B 217 -0.40 -1.10 -14.64
C GLY B 217 -1.79 -1.23 -15.25
N VAL B 218 -2.20 -0.19 -15.97
CA VAL B 218 -3.58 -0.04 -16.46
C VAL B 218 -4.03 -1.19 -17.37
N SER B 219 -3.14 -1.66 -18.23
CA SER B 219 -3.55 -2.64 -19.22
C SER B 219 -3.91 -4.00 -18.61
N ASN B 220 -3.46 -4.28 -17.38
CA ASN B 220 -3.85 -5.51 -16.68
C ASN B 220 -5.36 -5.58 -16.39
N LEU B 221 -6.02 -4.42 -16.26
CA LEU B 221 -7.45 -4.38 -15.97
C LEU B 221 -8.30 -5.15 -17.00
N SER B 222 -7.88 -5.04 -18.25
CA SER B 222 -8.66 -5.47 -19.42
C SER B 222 -8.24 -6.82 -19.98
N PHE B 223 -7.44 -7.57 -19.23
CA PHE B 223 -6.91 -8.88 -19.67
CA PHE B 223 -6.91 -8.87 -19.67
C PHE B 223 -8.00 -9.81 -20.18
N SER B 224 -9.19 -9.76 -19.59
CA SER B 224 -10.24 -10.67 -20.03
C SER B 224 -10.76 -10.36 -21.43
N PHE B 225 -10.36 -9.24 -22.02
CA PHE B 225 -10.81 -8.85 -23.35
C PHE B 225 -9.69 -8.77 -24.39
N ARG B 226 -8.64 -9.57 -24.18
CA ARG B 226 -7.61 -9.76 -25.20
CA ARG B 226 -7.61 -9.71 -25.21
C ARG B 226 -8.31 -10.04 -26.52
N GLY B 227 -7.86 -9.41 -27.61
CA GLY B 227 -8.54 -9.57 -28.92
C GLY B 227 -9.71 -8.62 -29.21
N ASN B 228 -10.11 -7.81 -28.22
CA ASN B 228 -11.08 -6.72 -28.45
C ASN B 228 -10.41 -5.40 -28.00
N ASN B 229 -9.58 -4.86 -28.87
CA ASN B 229 -8.78 -3.72 -28.49
C ASN B 229 -9.59 -2.49 -28.20
N TYR B 230 -10.72 -2.31 -28.89
CA TYR B 230 -11.56 -1.14 -28.57
C TYR B 230 -12.08 -1.23 -27.12
N ILE B 231 -12.62 -2.39 -26.76
CA ILE B 231 -13.17 -2.61 -25.42
C ILE B 231 -12.10 -2.42 -24.37
N ARG B 232 -10.90 -2.93 -24.63
CA ARG B 232 -9.79 -2.73 -23.71
C ARG B 232 -9.50 -1.26 -23.50
N GLU B 233 -9.36 -0.52 -24.61
CA GLU B 233 -9.02 0.89 -24.50
C GLU B 233 -10.16 1.69 -23.86
N ALA B 234 -11.40 1.30 -24.13
CA ALA B 234 -12.54 1.96 -23.53
C ALA B 234 -12.52 1.74 -22.03
N HIS B 236 -9.83 1.17 -20.25
CA HIS B 236 -8.73 1.97 -19.71
C HIS B 236 -9.15 3.42 -19.50
N ALA B 237 -9.84 3.97 -20.49
CA ALA B 237 -10.28 5.36 -20.42
C ALA B 237 -11.25 5.58 -19.25
N VAL B 238 -12.19 4.67 -19.10
CA VAL B 238 -13.13 4.73 -17.97
C VAL B 238 -12.42 4.60 -16.62
N PHE B 239 -11.52 3.64 -16.52
CA PHE B 239 -10.79 3.43 -15.29
C PHE B 239 -9.98 4.69 -14.92
N LEU B 240 -9.24 5.21 -15.90
CA LEU B 240 -8.43 6.41 -15.65
C LEU B 240 -9.28 7.61 -15.27
N TYR B 241 -10.41 7.77 -15.94
CA TYR B 241 -11.29 8.88 -15.62
C TYR B 241 -11.68 8.89 -14.14
N HIS B 242 -12.08 7.75 -13.62
CA HIS B 242 -12.49 7.65 -12.22
C HIS B 242 -11.28 7.64 -11.25
N ALA B 243 -10.21 6.98 -11.63
CA ALA B 243 -9.03 6.87 -10.77
C ALA B 243 -8.33 8.23 -10.61
N ILE B 244 -8.20 8.95 -11.72
CA ILE B 244 -7.57 10.28 -11.70
C ILE B 244 -8.36 11.24 -10.83
N GLN B 245 -9.68 11.14 -10.84
CA GLN B 245 -10.48 11.97 -9.96
C GLN B 245 -10.18 11.71 -8.49
N GLN B 246 -9.71 10.51 -8.14
CA GLN B 246 -9.35 10.22 -6.74
C GLN B 246 -7.91 10.53 -6.43
N GLY B 247 -7.15 10.95 -7.43
CA GLY B 247 -5.77 11.35 -7.23
C GLY B 247 -4.71 10.44 -7.82
N ASP B 249 -1.96 9.75 -10.14
CA ASP B 249 -1.19 10.75 -10.85
C ASP B 249 -0.13 10.20 -11.76
N GLY B 251 0.52 6.40 -14.43
CA GLY B 251 0.06 5.11 -14.85
C GLY B 251 0.93 4.53 -15.93
N ILE B 252 1.10 3.21 -15.89
CA ILE B 252 1.73 2.51 -17.00
C ILE B 252 0.66 2.22 -18.02
N VAL B 253 0.84 2.79 -19.21
CA VAL B 253 -0.18 2.78 -20.26
C VAL B 253 0.46 2.64 -21.63
N ASN B 254 -0.35 2.22 -22.60
CA ASN B 254 0.03 2.34 -23.99
C ASN B 254 -0.32 3.75 -24.41
N PRO B 255 0.67 4.64 -24.54
CA PRO B 255 0.36 6.04 -24.77
C PRO B 255 -0.14 6.33 -26.16
N GLY B 256 -0.07 5.36 -27.07
CA GLY B 256 -0.63 5.53 -28.42
C GLY B 256 -2.03 4.97 -28.58
N SER B 258 -5.25 6.94 -28.50
CA SER B 258 -6.17 5.86 -28.22
C SER B 258 -7.66 6.37 -28.10
N VAL B 259 -8.43 5.85 -27.16
CA VAL B 259 -9.90 6.10 -27.09
C VAL B 259 -10.21 7.09 -25.98
N LEU B 260 -10.98 8.14 -26.27
CA LEU B 260 -11.29 9.14 -25.24
C LEU B 260 -12.60 8.82 -24.53
N TYR B 261 -12.62 9.08 -23.23
CA TYR B 261 -13.79 8.86 -22.39
C TYR B 261 -15.05 9.47 -22.97
N SER B 262 -14.94 10.73 -23.37
CA SER B 262 -16.08 11.45 -23.85
C SER B 262 -16.55 11.00 -25.24
N ASP B 263 -15.73 10.24 -25.97
CA ASP B 263 -16.14 9.68 -27.28
C ASP B 263 -16.90 8.33 -27.22
N ILE B 264 -16.97 7.72 -26.04
CA ILE B 264 -17.63 6.43 -25.90
C ILE B 264 -19.12 6.63 -25.96
N PRO B 265 -19.82 5.97 -26.91
CA PRO B 265 -21.27 6.13 -26.93
C PRO B 265 -21.90 5.75 -25.61
N ALA B 266 -22.99 6.43 -25.26
CA ALA B 266 -23.64 6.31 -23.94
C ALA B 266 -23.96 4.89 -23.48
N ASP B 267 -24.57 4.08 -24.35
CA ASP B 267 -24.90 2.73 -23.95
C ASP B 267 -23.68 1.82 -23.81
N THR B 268 -22.63 2.07 -24.60
CA THR B 268 -21.39 1.36 -24.46
C THR B 268 -20.71 1.77 -23.15
N LEU B 269 -20.76 3.05 -22.85
CA LEU B 269 -20.14 3.58 -21.64
C LEU B 269 -20.81 2.96 -20.41
N GLU B 270 -22.13 2.83 -20.46
CA GLU B 270 -22.84 2.22 -19.36
C GLU B 270 -22.40 0.78 -19.14
N LYS B 271 -22.25 0.01 -20.20
CA LYS B 271 -21.77 -1.37 -20.04
C LYS B 271 -20.32 -1.42 -19.50
N ILE B 272 -19.46 -0.51 -19.93
CA ILE B 272 -18.05 -0.50 -19.50
C ILE B 272 -17.97 -0.08 -18.02
N GLU B 273 -18.65 1.01 -17.67
CA GLU B 273 -18.72 1.50 -16.30
C GLU B 273 -19.43 0.53 -15.37
N ASP B 274 -20.40 -0.23 -15.90
CA ASP B 274 -21.03 -1.23 -15.04
C ASP B 274 -19.98 -2.25 -14.57
N VAL B 275 -19.06 -2.61 -15.46
CA VAL B 275 -18.02 -3.54 -15.11
C VAL B 275 -16.92 -2.86 -14.25
N VAL B 276 -16.35 -1.76 -14.73
CA VAL B 276 -15.26 -1.13 -14.03
C VAL B 276 -15.70 -0.74 -12.60
N LEU B 277 -16.90 -0.17 -12.47
CA LEU B 277 -17.40 0.27 -11.17
C LEU B 277 -18.31 -0.75 -10.47
N ASN B 278 -18.39 -1.98 -11.00
CA ASN B 278 -19.11 -3.09 -10.34
C ASN B 278 -20.53 -2.72 -9.89
N ARG B 279 -21.32 -2.21 -10.83
CA ARG B 279 -22.63 -1.64 -10.52
C ARG B 279 -23.77 -2.65 -10.61
N ARG B 280 -23.55 -3.80 -11.23
CA ARG B 280 -24.55 -4.86 -11.26
C ARG B 280 -23.87 -6.23 -11.46
N PRO B 281 -24.42 -7.29 -10.88
CA PRO B 281 -23.73 -8.59 -10.87
C PRO B 281 -23.59 -9.25 -12.22
N ASP B 282 -24.45 -8.92 -13.16
CA ASP B 282 -24.33 -9.44 -14.55
C ASP B 282 -23.57 -8.51 -15.51
N ALA B 283 -22.89 -7.52 -14.97
CA ALA B 283 -22.12 -6.55 -15.78
C ALA B 283 -21.15 -7.25 -16.74
N ALA B 284 -20.38 -8.21 -16.21
CA ALA B 284 -19.36 -8.86 -17.02
C ALA B 284 -20.01 -9.60 -18.19
N GLU B 285 -21.08 -10.35 -17.91
CA GLU B 285 -21.81 -11.10 -18.93
C GLU B 285 -22.30 -10.18 -20.07
N ARG B 286 -22.86 -9.03 -19.70
CA ARG B 286 -23.33 -8.06 -20.68
C ARG B 286 -22.19 -7.44 -21.52
N LEU B 287 -21.03 -7.18 -20.92
CA LEU B 287 -19.90 -6.62 -21.67
C LEU B 287 -19.30 -7.68 -22.59
N ILE B 288 -19.30 -8.93 -22.13
CA ILE B 288 -18.78 -10.02 -22.96
C ILE B 288 -19.68 -10.21 -24.16
N GLU B 289 -20.98 -10.07 -23.98
CA GLU B 289 -21.89 -10.14 -25.10
C GLU B 289 -21.58 -9.08 -26.18
N LEU B 290 -21.28 -7.85 -25.73
CA LEU B 290 -20.93 -6.74 -26.62
C LEU B 290 -19.62 -7.06 -27.32
N ALA B 291 -18.63 -7.52 -26.55
CA ALA B 291 -17.34 -7.86 -27.13
C ALA B 291 -17.48 -8.88 -28.23
N GLU B 292 -18.32 -9.89 -28.00
CA GLU B 292 -18.54 -10.92 -29.00
C GLU B 292 -19.25 -10.38 -30.24
N ALA B 293 -20.20 -9.47 -30.06
CA ALA B 293 -20.89 -8.86 -31.21
C ALA B 293 -19.90 -8.04 -32.07
N LEU B 294 -18.93 -7.38 -31.43
CA LEU B 294 -17.93 -6.58 -32.15
C LEU B 294 -16.84 -7.39 -32.89
N LYS B 295 -16.60 -8.65 -32.51
CA LYS B 295 -15.44 -9.42 -33.01
C LYS B 295 -15.70 -10.09 -34.37
N GLU C 9 -6.21 21.43 -6.81
CA GLU C 9 -5.80 21.59 -5.37
C GLU C 9 -5.30 20.28 -4.71
N ILE C 10 -5.59 19.13 -5.31
CA ILE C 10 -5.11 17.82 -4.81
C ILE C 10 -3.63 17.68 -5.20
N ASN C 11 -3.32 18.15 -6.41
CA ASN C 11 -1.96 18.25 -6.90
C ASN C 11 -1.54 19.71 -6.80
N PHE C 12 -1.26 20.10 -5.56
CA PHE C 12 -0.55 21.32 -5.33
C PHE C 12 0.33 21.12 -4.11
N VAL C 13 1.61 21.43 -4.23
CA VAL C 13 2.55 21.25 -3.15
C VAL C 13 2.77 22.60 -2.46
N ASN C 14 2.32 22.73 -1.22
CA ASN C 14 2.58 23.93 -0.45
C ASN C 14 3.98 23.88 0.14
N ILE C 15 4.79 24.90 -0.19
CA ILE C 15 6.12 25.08 0.36
C ILE C 15 6.02 26.15 1.43
N GLY C 16 6.34 25.80 2.67
CA GLY C 16 6.25 26.73 3.77
C GLY C 16 7.24 27.87 3.64
N GLU C 17 6.77 29.09 3.82
CA GLU C 17 7.60 30.26 3.57
C GLU C 17 8.27 30.82 4.81
N ARG C 18 7.80 30.41 5.99
CA ARG C 18 8.07 31.19 7.20
C ARG C 18 9.49 31.10 7.80
N CYS C 19 10.25 30.05 7.46
CA CYS C 19 11.64 29.94 7.97
C CYS C 19 12.57 30.75 7.11
N ASN C 20 12.30 32.06 7.11
CA ASN C 20 12.94 33.00 6.20
C ASN C 20 13.18 34.29 6.97
N VAL C 21 14.43 34.62 7.24
CA VAL C 21 14.81 35.75 8.06
C VAL C 21 14.47 37.09 7.42
N ALA C 22 14.40 37.14 6.09
CA ALA C 22 14.03 38.37 5.39
C ALA C 22 12.51 38.45 5.25
N GLY C 23 11.81 37.33 5.45
CA GLY C 23 10.35 37.29 5.28
C GLY C 23 9.56 37.14 6.55
N SER C 24 10.21 36.88 7.68
CA SER C 24 9.53 36.81 8.97
C SER C 24 10.36 37.46 10.06
N ARG C 25 9.79 38.49 10.68
CA ARG C 25 10.56 39.24 11.66
C ARG C 25 10.79 38.36 12.88
N LYS C 26 9.82 37.50 13.20
CA LYS C 26 9.96 36.60 14.30
C LYS C 26 11.11 35.61 14.03
N PHE C 27 11.11 34.99 12.86
CA PHE C 27 12.13 33.98 12.57
C PHE C 27 13.51 34.63 12.63
N LEU C 28 13.67 35.82 12.09
CA LEU C 28 14.95 36.53 12.19
C LEU C 28 15.40 36.70 13.65
N ARG C 29 14.49 37.14 14.51
CA ARG C 29 14.82 37.35 15.93
C ARG C 29 15.22 36.01 16.58
N LEU C 30 14.48 34.94 16.29
CA LEU C 30 14.79 33.67 16.93
C LEU C 30 16.19 33.17 16.53
N VAL C 31 16.55 33.28 15.24
CA VAL C 31 17.87 32.85 14.77
C VAL C 31 18.93 33.74 15.43
N ASN C 32 18.75 35.05 15.38
CA ASN C 32 19.73 36.00 15.98
CA ASN C 32 19.71 35.98 15.99
C ASN C 32 19.94 35.74 17.46
N GLU C 33 18.88 35.38 18.17
CA GLU C 33 18.99 35.12 19.59
C GLU C 33 19.36 33.65 19.89
N LYS C 34 19.60 32.84 18.86
CA LYS C 34 19.98 31.43 19.04
C LYS C 34 18.91 30.62 19.80
N LYS C 35 17.65 30.96 19.57
CA LYS C 35 16.52 30.18 20.09
C LYS C 35 16.09 29.20 19.00
N TYR C 36 17.01 28.28 18.67
CA TYR C 36 16.84 27.39 17.55
C TYR C 36 15.68 26.40 17.74
N ASP C 37 15.39 26.05 18.99
CA ASP C 37 14.23 25.20 19.31
C ASP C 37 12.91 25.86 18.91
N GLU C 38 12.77 27.13 19.27
CA GLU C 38 11.62 27.94 18.86
C GLU C 38 11.59 28.16 17.35
N ALA C 39 12.75 28.35 16.71
CA ALA C 39 12.77 28.49 15.27
C ALA C 39 12.35 27.18 14.59
N LEU C 40 12.76 26.07 15.16
CA LEU C 40 12.35 24.75 14.65
C LEU C 40 10.83 24.53 14.79
N SER C 41 10.23 25.04 15.85
CA SER C 41 8.77 24.97 15.99
C SER C 41 8.01 25.62 14.84
N ILE C 42 8.57 26.67 14.25
CA ILE C 42 7.99 27.30 13.11
C ILE C 42 7.99 26.34 11.90
N ALA C 43 9.10 25.65 11.68
CA ALA C 43 9.13 24.59 10.67
C ALA C 43 8.10 23.50 10.99
N ARG C 44 8.05 23.05 12.24
CA ARG C 44 7.13 21.98 12.63
C ARG C 44 5.66 22.36 12.42
N GLN C 45 5.27 23.53 12.90
CA GLN C 45 3.94 24.03 12.70
C GLN C 45 3.57 24.12 11.21
N GLN C 46 4.51 24.50 10.35
CA GLN C 46 4.20 24.53 8.92
C GLN C 46 3.92 23.12 8.35
N VAL C 47 4.68 22.13 8.79
CA VAL C 47 4.45 20.76 8.35
C VAL C 47 3.07 20.28 8.85
N GLU C 48 2.74 20.60 10.09
CA GLU C 48 1.43 20.26 10.64
C GLU C 48 0.26 20.94 9.91
N ASP C 49 0.48 22.15 9.40
CA ASP C 49 -0.49 22.86 8.58
C ASP C 49 -0.48 22.41 7.11
N GLY C 50 0.28 21.39 6.76
CA GLY C 50 0.23 20.79 5.44
C GLY C 50 1.37 21.15 4.48
N ALA C 51 2.34 21.95 4.93
CA ALA C 51 3.50 22.18 4.07
C ALA C 51 4.18 20.82 3.74
N LEU C 52 4.47 20.58 2.47
CA LEU C 52 5.17 19.38 2.04
C LEU C 52 6.63 19.63 1.70
N VAL C 53 7.05 20.88 1.82
CA VAL C 53 8.42 21.33 1.60
C VAL C 53 8.59 22.51 2.57
N ILE C 54 9.78 22.69 3.11
CA ILE C 54 10.08 23.83 4.00
C ILE C 54 11.17 24.68 3.37
N ASP C 55 10.86 25.92 3.04
CA ASP C 55 11.85 26.85 2.52
C ASP C 55 12.65 27.43 3.67
N VAL C 56 13.98 27.43 3.55
CA VAL C 56 14.84 28.02 4.60
C VAL C 56 15.74 29.10 4.01
N ASN C 57 15.65 30.31 4.54
CA ASN C 57 16.44 31.44 4.03
C ASN C 57 17.07 32.16 5.22
N ASP C 59 19.55 34.68 4.69
CA ASP C 59 20.26 35.81 4.10
C ASP C 59 19.89 37.07 4.83
N ASP C 60 20.75 37.53 5.72
CA ASP C 60 20.58 38.82 6.39
C ASP C 60 21.96 39.32 6.76
N GLY C 61 22.17 40.64 6.69
CA GLY C 61 23.45 41.22 7.07
C GLY C 61 23.88 40.93 8.51
N LEU C 62 22.95 40.70 9.42
CA LEU C 62 23.30 40.39 10.83
C LEU C 62 23.89 38.98 10.98
N LEU C 63 23.66 38.09 10.01
CA LEU C 63 23.94 36.65 10.16
C LEU C 63 25.03 36.12 9.25
N ASP C 64 25.74 35.11 9.75
CA ASP C 64 26.60 34.23 8.95
C ASP C 64 25.65 33.21 8.31
N ALA C 65 25.15 33.55 7.12
CA ALA C 65 24.13 32.75 6.46
C ALA C 65 24.48 31.29 6.31
N ARG C 66 25.69 31.02 5.86
CA ARG C 66 26.14 29.67 5.65
C ARG C 66 26.05 28.81 6.93
N THR C 67 26.51 29.36 8.04
CA THR C 67 26.54 28.67 9.30
C THR C 67 25.14 28.50 9.86
N GLU C 68 24.30 29.53 9.75
CA GLU C 68 22.93 29.42 10.20
C GLU C 68 22.18 28.36 9.36
N THR C 70 23.45 25.61 7.71
CA THR C 70 23.88 24.27 8.11
C THR C 70 23.40 23.93 9.53
N THR C 71 23.42 24.90 10.44
CA THR C 71 22.91 24.64 11.79
C THR C 71 21.42 24.26 11.73
N PHE C 72 20.62 25.03 11.02
CA PHE C 72 19.19 24.81 10.98
C PHE C 72 18.84 23.52 10.21
N LEU C 73 19.54 23.25 9.12
CA LEU C 73 19.27 22.04 8.38
C LEU C 73 19.61 20.81 9.19
N ASN C 74 20.75 20.84 9.87
CA ASN C 74 21.13 19.76 10.75
C ASN C 74 20.11 19.53 11.86
N LEU C 75 19.61 20.60 12.46
CA LEU C 75 18.63 20.45 13.51
CA LEU C 75 18.60 20.50 13.52
C LEU C 75 17.32 19.86 12.97
N ILE C 76 16.90 20.27 11.78
CA ILE C 76 15.72 19.67 11.12
C ILE C 76 15.88 18.16 10.96
N SER C 78 17.43 16.19 12.83
CA SER C 78 17.33 15.52 14.12
C SER C 78 15.89 15.34 14.59
N GLU C 79 14.92 15.92 13.89
CA GLU C 79 13.54 15.94 14.33
C GLU C 79 12.67 15.19 13.27
N PRO C 80 12.31 13.93 13.53
CA PRO C 80 11.59 13.06 12.58
C PRO C 80 10.33 13.71 11.99
N GLU C 81 9.54 14.39 12.81
CA GLU C 81 8.35 15.15 12.35
C GLU C 81 8.61 16.18 11.27
N ILE C 82 9.82 16.70 11.18
CA ILE C 82 10.13 17.74 10.22
C ILE C 82 11.01 17.19 9.10
N ALA C 83 11.90 16.26 9.46
CA ALA C 83 12.85 15.64 8.52
C ALA C 83 12.14 14.81 7.43
N ARG C 84 10.87 14.48 7.69
CA ARG C 84 10.04 13.75 6.72
CA ARG C 84 9.96 13.79 6.73
C ARG C 84 9.65 14.55 5.46
N VAL C 85 9.97 15.86 5.39
CA VAL C 85 9.68 16.61 4.18
C VAL C 85 10.93 17.26 3.68
N PRO C 86 11.03 17.41 2.37
CA PRO C 86 12.26 18.00 1.86
C PRO C 86 12.44 19.46 2.24
N VAL C 87 13.70 19.89 2.24
CA VAL C 87 14.07 21.25 2.53
C VAL C 87 14.43 21.96 1.21
N ILE C 89 16.48 24.99 -0.05
CA ILE C 89 17.59 25.78 0.41
C ILE C 89 17.56 27.13 -0.32
N ASP C 90 17.24 28.19 0.38
CA ASP C 90 16.92 29.49 -0.21
C ASP C 90 17.99 30.50 0.13
N SER C 91 18.84 30.78 -0.85
CA SER C 91 19.87 31.83 -0.70
C SER C 91 20.21 32.44 -2.05
N SER C 92 20.57 33.72 -2.05
CA SER C 92 21.16 34.34 -3.24
C SER C 92 22.65 33.97 -3.38
N LYS C 93 23.27 33.38 -2.35
CA LYS C 93 24.70 33.07 -2.40
C LYS C 93 24.95 31.60 -2.67
N TRP C 94 25.71 31.30 -3.72
CA TRP C 94 25.95 29.91 -4.10
C TRP C 94 26.65 29.12 -2.98
N GLU C 95 27.59 29.75 -2.30
CA GLU C 95 28.29 29.12 -1.18
C GLU C 95 27.34 28.62 -0.08
N VAL C 96 26.28 29.36 0.17
CA VAL C 96 25.28 28.92 1.14
C VAL C 96 24.53 27.72 0.63
N ILE C 97 24.12 27.77 -0.63
CA ILE C 97 23.45 26.64 -1.25
C ILE C 97 24.29 25.37 -1.22
N GLU C 98 25.54 25.49 -1.61
CA GLU C 98 26.38 24.34 -1.66
C GLU C 98 26.63 23.79 -0.23
N ALA C 99 26.77 24.68 0.76
CA ALA C 99 26.83 24.22 2.16
C ALA C 99 25.58 23.42 2.57
N GLY C 100 24.42 23.89 2.18
CA GLY C 100 23.18 23.21 2.44
C GLY C 100 23.12 21.85 1.77
N LEU C 101 23.50 21.81 0.49
CA LEU C 101 23.55 20.53 -0.24
C LEU C 101 24.47 19.52 0.43
N LYS C 102 25.64 20.01 0.88
CA LYS C 102 26.63 19.14 1.48
C LYS C 102 26.09 18.55 2.77
N CYS C 103 25.35 19.33 3.55
CA CYS C 103 25.04 18.78 4.83
C CYS C 103 23.76 17.96 4.80
N LEU C 104 22.85 18.24 3.87
CA LEU C 104 21.62 17.44 3.80
C LEU C 104 21.89 16.01 3.26
N GLN C 105 21.09 15.04 3.71
CA GLN C 105 21.23 13.64 3.23
C GLN C 105 20.13 13.31 2.19
N GLY C 106 20.36 13.77 0.93
CA GLY C 106 19.30 13.80 -0.13
C GLY C 106 18.18 14.77 0.23
N LYS C 107 17.01 14.65 -0.41
CA LYS C 107 15.82 15.40 0.05
C LYS C 107 16.00 16.91 0.05
N SER C 108 16.59 17.43 -1.01
CA SER C 108 16.74 18.86 -1.07
C SER C 108 16.45 19.47 -2.43
N ILE C 109 16.04 20.73 -2.35
CA ILE C 109 15.68 21.50 -3.52
C ILE C 109 16.42 22.81 -3.41
N VAL C 110 17.15 23.16 -4.47
CA VAL C 110 17.86 24.41 -4.53
C VAL C 110 16.88 25.51 -4.91
N ASN C 111 16.94 26.62 -4.18
CA ASN C 111 16.19 27.82 -4.49
C ASN C 111 17.17 29.01 -4.48
N SER C 112 17.81 29.34 -5.59
CA SER C 112 17.51 28.87 -6.92
C SER C 112 18.77 29.08 -7.81
N ILE C 113 18.68 28.69 -9.08
CA ILE C 113 19.65 29.08 -10.11
C ILE C 113 18.93 29.88 -11.20
N SER C 114 19.73 30.60 -11.99
CA SER C 114 19.19 31.40 -13.11
C SER C 114 20.32 31.67 -14.08
N LEU C 115 19.96 32.31 -15.19
CA LEU C 115 20.88 32.71 -16.21
C LEU C 115 21.44 34.13 -15.96
N LYS C 116 21.14 34.70 -14.80
CA LYS C 116 21.62 36.08 -14.44
C LYS C 116 23.13 36.32 -14.64
N GLU C 117 23.91 35.32 -14.32
CA GLU C 117 25.36 35.48 -14.34
C GLU C 117 25.92 34.78 -15.55
N GLY C 118 25.04 34.40 -16.48
CA GLY C 118 25.49 33.82 -17.72
C GLY C 118 25.36 32.32 -17.75
N GLU C 119 25.52 31.81 -18.95
CA GLU C 119 25.26 30.43 -19.22
C GLU C 119 26.26 29.48 -18.58
N GLU C 120 27.55 29.81 -18.62
CA GLU C 120 28.60 28.95 -18.05
C GLU C 120 28.36 28.71 -16.54
N VAL C 121 28.08 29.79 -15.80
CA VAL C 121 27.76 29.66 -14.38
C VAL C 121 26.50 28.80 -14.14
N PHE C 122 25.44 29.06 -14.92
CA PHE C 122 24.21 28.30 -14.83
C PHE C 122 24.50 26.81 -15.00
N LEU C 123 25.26 26.47 -16.03
CA LEU C 123 25.50 25.05 -16.35
C LEU C 123 26.35 24.38 -15.26
N GLU C 124 27.32 25.13 -14.77
CA GLU C 124 28.17 24.67 -13.67
C GLU C 124 27.35 24.33 -12.42
N HIS C 125 26.50 25.26 -11.99
CA HIS C 125 25.64 25.03 -10.83
C HIS C 125 24.69 23.85 -11.07
N ALA C 126 24.06 23.80 -12.24
CA ALA C 126 23.15 22.71 -12.54
C ALA C 126 23.84 21.36 -12.46
N ARG C 127 25.08 21.30 -12.94
CA ARG C 127 25.86 20.07 -12.85
C ARG C 127 26.12 19.65 -11.41
N ILE C 128 26.47 20.61 -10.56
CA ILE C 128 26.69 20.29 -9.14
C ILE C 128 25.39 19.77 -8.53
N ILE C 129 24.29 20.44 -8.85
CA ILE C 129 22.98 20.06 -8.32
C ILE C 129 22.63 18.63 -8.76
N LYS C 130 22.82 18.33 -10.02
CA LYS C 130 22.56 16.99 -10.52
C LYS C 130 23.38 15.95 -9.74
N GLN C 131 24.66 16.24 -9.52
CA GLN C 131 25.54 15.30 -8.79
C GLN C 131 25.05 14.98 -7.41
N TYR C 132 24.51 15.99 -6.72
CA TYR C 132 23.86 15.76 -5.45
C TYR C 132 22.48 15.09 -5.54
N GLY C 133 21.92 14.90 -6.73
CA GLY C 133 20.58 14.32 -6.86
C GLY C 133 19.46 15.27 -6.40
N ALA C 134 19.76 16.57 -6.27
CA ALA C 134 18.77 17.57 -5.85
C ALA C 134 17.90 18.09 -7.01
N ALA C 135 16.69 18.54 -6.69
CA ALA C 135 15.87 19.30 -7.63
C ALA C 135 16.29 20.79 -7.51
N THR C 136 15.89 21.61 -8.47
CA THR C 136 16.20 23.03 -8.45
C THR C 136 15.06 23.87 -9.00
N VAL C 137 14.85 24.98 -8.31
CA VAL C 137 14.12 26.11 -8.85
C VAL C 137 15.01 26.88 -9.82
N VAL C 138 14.42 27.28 -10.94
CA VAL C 138 15.03 28.14 -11.90
C VAL C 138 14.21 29.39 -11.99
N ALA C 140 13.06 32.90 -13.57
CA ALA C 140 13.00 33.53 -14.90
C ALA C 140 13.79 34.86 -14.88
N PHE C 141 15.11 34.73 -14.98
CA PHE C 141 16.03 35.87 -14.90
C PHE C 141 17.19 35.44 -15.77
N ASP C 142 17.53 36.25 -16.76
CA ASP C 142 18.62 35.88 -17.65
C ASP C 142 19.58 37.03 -17.75
N GLU C 143 20.47 36.99 -18.75
CA GLU C 143 21.52 38.01 -18.84
C GLU C 143 20.97 39.41 -19.15
N LYS C 144 19.71 39.48 -19.57
CA LYS C 144 19.07 40.73 -19.95
C LYS C 144 18.24 41.30 -18.80
N GLY C 145 18.03 40.51 -17.75
CA GLY C 145 17.28 40.98 -16.61
C GLY C 145 16.20 40.04 -16.15
N GLN C 146 15.41 40.52 -15.21
CA GLN C 146 14.27 39.77 -14.70
C GLN C 146 13.13 39.75 -15.72
N ALA C 147 12.55 38.59 -15.94
CA ALA C 147 11.46 38.44 -16.88
C ALA C 147 10.18 38.97 -16.25
N ASP C 148 9.69 40.10 -16.73
CA ASP C 148 8.49 40.78 -16.19
C ASP C 148 7.22 40.40 -16.98
N THR C 149 7.33 40.35 -18.30
CA THR C 149 6.19 40.03 -19.16
C THR C 149 6.04 38.53 -19.41
N ALA C 150 4.86 38.10 -19.82
CA ALA C 150 4.65 36.69 -20.18
C ALA C 150 5.66 36.20 -21.22
N ALA C 151 5.89 37.00 -22.27
CA ALA C 151 6.82 36.61 -23.34
C ALA C 151 8.25 36.42 -22.83
N ARG C 152 8.71 37.30 -21.95
CA ARG C 152 10.04 37.17 -21.35
C ARG C 152 10.12 35.93 -20.45
N LYS C 153 9.07 35.69 -19.66
CA LYS C 153 9.05 34.56 -18.74
C LYS C 153 9.18 33.28 -19.56
N ILE C 154 8.44 33.19 -20.65
CA ILE C 154 8.44 32.01 -21.50
C ILE C 154 9.79 31.83 -22.20
N GLU C 155 10.35 32.93 -22.71
CA GLU C 155 11.64 32.92 -23.38
C GLU C 155 12.72 32.35 -22.46
N VAL C 156 12.80 32.85 -21.23
CA VAL C 156 13.82 32.40 -20.31
C VAL C 156 13.63 30.92 -19.92
N CYS C 157 12.40 30.55 -19.56
CA CYS C 157 12.15 29.18 -19.11
C CYS C 157 12.36 28.17 -20.23
N GLU C 158 11.94 28.47 -21.45
CA GLU C 158 12.16 27.55 -22.55
CA GLU C 158 12.17 27.56 -22.58
C GLU C 158 13.67 27.35 -22.78
N ARG C 159 14.44 28.43 -22.72
CA ARG C 159 15.87 28.34 -22.95
C ARG C 159 16.54 27.57 -21.82
N ALA C 160 16.14 27.85 -20.60
CA ALA C 160 16.68 27.15 -19.44
C ALA C 160 16.36 25.63 -19.48
N TYR C 161 15.16 25.30 -19.90
CA TYR C 161 14.76 23.89 -20.00
C TYR C 161 15.67 23.16 -20.99
N ARG C 162 15.85 23.74 -22.18
CA ARG C 162 16.70 23.13 -23.20
C ARG C 162 18.14 22.95 -22.72
N LEU C 163 18.71 23.98 -22.13
CA LEU C 163 20.06 23.88 -21.56
C LEU C 163 20.16 22.74 -20.52
N LEU C 164 19.18 22.69 -19.60
CA LEU C 164 19.23 21.71 -18.53
C LEU C 164 19.05 20.28 -19.05
N VAL C 165 18.06 20.08 -19.89
CA VAL C 165 17.76 18.78 -20.42
C VAL C 165 18.80 18.35 -21.45
N ASP C 166 19.14 19.20 -22.41
CA ASP C 166 20.07 18.82 -23.50
C ASP C 166 21.53 18.85 -23.11
N LYS C 167 21.96 19.83 -22.32
CA LYS C 167 23.40 19.95 -22.06
C LYS C 167 23.79 19.29 -20.75
N VAL C 168 22.95 19.37 -19.73
CA VAL C 168 23.31 18.84 -18.41
C VAL C 168 22.75 17.44 -18.20
N GLY C 169 21.78 17.03 -19.01
CA GLY C 169 21.10 15.76 -18.79
C GLY C 169 20.25 15.78 -17.55
N PHE C 170 19.79 16.97 -17.16
CA PHE C 170 18.97 17.14 -15.97
C PHE C 170 17.60 16.47 -16.13
N ASN C 171 17.11 15.81 -15.08
CA ASN C 171 15.77 15.22 -15.06
C ASN C 171 14.72 16.32 -15.09
N PRO C 172 13.90 16.33 -16.15
CA PRO C 172 12.94 17.44 -16.26
C PRO C 172 11.99 17.51 -15.08
N HIS C 173 11.70 16.36 -14.46
CA HIS C 173 10.80 16.31 -13.32
C HIS C 173 11.41 16.97 -12.08
N ASP C 174 12.72 17.23 -12.10
CA ASP C 174 13.41 17.92 -11.01
C ASP C 174 13.63 19.42 -11.27
N ILE C 175 13.05 19.93 -12.37
CA ILE C 175 13.11 21.36 -12.69
C ILE C 175 11.81 22.04 -12.19
N ILE C 176 11.97 23.07 -11.37
CA ILE C 176 10.86 23.86 -10.90
C ILE C 176 11.08 25.30 -11.42
N PHE C 177 10.27 25.72 -12.38
CA PHE C 177 10.37 27.10 -12.88
C PHE C 177 9.64 28.07 -11.97
N ASP C 178 10.24 29.22 -11.76
CA ASP C 178 9.60 30.29 -11.04
C ASP C 178 9.58 31.48 -11.96
N PRO C 179 8.43 31.73 -12.64
CA PRO C 179 8.36 32.81 -13.58
C PRO C 179 8.28 34.20 -12.93
N ASN C 180 8.34 34.28 -11.59
CA ASN C 180 8.40 35.51 -10.80
C ASN C 180 7.02 36.08 -10.47
N VAL C 181 6.58 35.92 -9.23
CA VAL C 181 5.38 36.58 -8.73
C VAL C 181 5.87 37.94 -8.27
N LEU C 182 5.36 38.98 -8.92
CA LEU C 182 5.76 40.35 -8.61
C LEU C 182 4.56 41.12 -8.08
N ALA C 183 4.80 42.10 -7.20
CA ALA C 183 3.73 42.91 -6.61
C ALA C 183 2.89 43.64 -7.66
N VAL C 184 1.57 43.68 -7.45
CA VAL C 184 0.66 44.52 -8.22
C VAL C 184 0.14 45.67 -7.34
N ALA C 185 -0.70 46.53 -7.90
CA ALA C 185 -1.28 47.66 -7.19
C ALA C 185 -0.20 48.47 -6.49
N THR C 186 0.90 48.70 -7.19
CA THR C 186 2.06 49.42 -6.66
C THR C 186 2.05 50.95 -6.92
N GLY C 187 1.03 51.48 -7.56
CA GLY C 187 1.05 52.87 -8.04
C GLY C 187 1.75 53.02 -9.40
N ILE C 188 2.39 51.96 -9.90
CA ILE C 188 3.06 51.98 -11.20
C ILE C 188 2.28 51.14 -12.21
N GLU C 189 1.81 51.82 -13.24
CA GLU C 189 0.85 51.25 -14.17
C GLU C 189 1.44 50.07 -14.94
N GLU C 190 2.75 50.10 -15.16
CA GLU C 190 3.44 49.04 -15.89
C GLU C 190 3.43 47.69 -15.13
N HIS C 191 3.05 47.71 -13.85
CA HIS C 191 2.98 46.50 -13.03
C HIS C 191 1.60 45.85 -13.02
N ASN C 192 0.60 46.50 -13.64
CA ASN C 192 -0.79 46.06 -13.45
C ASN C 192 -1.05 44.65 -13.94
N ASN C 193 -0.28 44.20 -14.94
CA ASN C 193 -0.55 42.90 -15.53
C ASN C 193 0.34 41.77 -14.98
N TYR C 194 1.09 42.02 -13.90
CA TYR C 194 2.11 41.08 -13.46
C TYR C 194 1.60 39.71 -13.01
N ALA C 195 0.41 39.64 -12.40
CA ALA C 195 -0.16 38.32 -12.04
C ALA C 195 -0.68 37.62 -13.28
N VAL C 196 -1.35 38.35 -14.17
CA VAL C 196 -1.85 37.74 -15.40
C VAL C 196 -0.64 37.20 -16.19
N ASP C 197 0.45 37.95 -16.23
CA ASP C 197 1.67 37.48 -16.95
C ASP C 197 2.22 36.16 -16.38
N PHE C 198 2.28 36.08 -15.05
CA PHE C 198 2.67 34.86 -14.36
C PHE C 198 1.78 33.71 -14.75
N ILE C 199 0.48 33.94 -14.72
CA ILE C 199 -0.50 32.90 -15.00
C ILE C 199 -0.43 32.42 -16.44
N GLU C 200 -0.21 33.35 -17.37
CA GLU C 200 -0.07 32.99 -18.76
C GLU C 200 1.23 32.18 -19.01
N ALA C 201 2.35 32.62 -18.42
CA ALA C 201 3.58 31.85 -18.54
C ALA C 201 3.44 30.42 -17.98
N THR C 202 2.78 30.31 -16.82
CA THR C 202 2.51 29.03 -16.16
C THR C 202 1.84 28.06 -17.10
N GLY C 203 0.74 28.53 -17.71
CA GLY C 203 0.03 27.77 -18.74
C GLY C 203 0.93 27.28 -19.83
N TRP C 204 1.72 28.18 -20.40
CA TRP C 204 2.58 27.82 -21.49
C TRP C 204 3.60 26.78 -21.08
N ILE C 205 4.25 27.00 -19.95
CA ILE C 205 5.24 26.09 -19.44
C ILE C 205 4.71 24.64 -19.25
N ARG C 206 3.56 24.51 -18.60
CA ARG C 206 3.02 23.19 -18.32
CA ARG C 206 2.97 23.20 -18.33
C ARG C 206 2.51 22.52 -19.60
N LYS C 207 2.18 23.30 -20.62
CA LYS C 207 1.83 22.68 -21.90
C LYS C 207 3.02 22.36 -22.78
N ASN C 208 4.15 23.05 -22.61
CA ASN C 208 5.25 23.00 -23.59
C ASN C 208 6.58 22.44 -23.12
N LEU C 209 6.81 22.45 -21.80
CA LEU C 209 8.07 21.98 -21.22
C LEU C 209 7.80 20.73 -20.36
N PRO C 210 7.88 19.54 -20.99
CA PRO C 210 7.41 18.33 -20.37
C PRO C 210 8.06 18.04 -19.04
N GLY C 211 7.22 17.84 -18.02
CA GLY C 211 7.66 17.32 -16.74
C GLY C 211 8.05 18.38 -15.72
N ALA C 212 8.29 19.60 -16.19
CA ALA C 212 8.72 20.69 -15.34
C ALA C 212 7.56 21.17 -14.48
N HIS C 213 7.91 21.60 -13.27
CA HIS C 213 6.94 22.12 -12.33
C HIS C 213 6.96 23.63 -12.44
N VAL C 214 5.94 24.28 -11.88
CA VAL C 214 5.91 25.74 -11.78
C VAL C 214 5.55 26.10 -10.35
N SER C 215 6.34 26.98 -9.77
CA SER C 215 6.15 27.50 -8.46
C SER C 215 6.29 29.00 -8.50
N GLY C 216 6.05 29.61 -7.34
CA GLY C 216 6.19 31.05 -7.20
C GLY C 216 6.15 31.46 -5.75
N GLY C 217 6.70 32.64 -5.47
CA GLY C 217 6.63 33.22 -4.12
C GLY C 217 5.35 34.04 -3.97
N VAL C 218 4.30 33.37 -3.54
CA VAL C 218 2.93 33.93 -3.57
C VAL C 218 2.78 35.25 -2.78
N SER C 219 3.41 35.32 -1.62
CA SER C 219 3.25 36.48 -0.75
C SER C 219 3.82 37.79 -1.29
N ASN C 220 4.74 37.69 -2.26
CA ASN C 220 5.25 38.89 -2.95
C ASN C 220 4.15 39.63 -3.71
N LEU C 221 3.12 38.90 -4.18
CA LEU C 221 2.02 39.52 -4.93
C LEU C 221 1.37 40.70 -4.16
N SER C 222 1.24 40.54 -2.85
CA SER C 222 0.39 41.38 -2.02
C SER C 222 1.17 42.39 -1.22
N PHE C 223 2.43 42.62 -1.60
CA PHE C 223 3.34 43.49 -0.84
CA PHE C 223 3.34 43.53 -0.87
C PHE C 223 2.75 44.92 -0.67
N SER C 224 1.98 45.41 -1.64
CA SER C 224 1.38 46.73 -1.52
C SER C 224 0.34 46.83 -0.40
N PHE C 225 -0.11 45.69 0.15
CA PHE C 225 -1.11 45.68 1.21
C PHE C 225 -0.61 45.18 2.55
N ARG C 226 0.67 45.39 2.78
CA ARG C 226 1.29 45.17 4.09
CA ARG C 226 1.26 45.11 4.08
C ARG C 226 0.43 45.81 5.16
N GLY C 227 0.14 45.09 6.23
CA GLY C 227 -0.75 45.63 7.29
C GLY C 227 -2.24 45.42 7.06
N ASN C 228 -2.63 44.89 5.90
CA ASN C 228 -3.99 44.43 5.67
C ASN C 228 -3.95 42.92 5.40
N ASN C 229 -3.90 42.14 6.48
CA ASN C 229 -3.69 40.74 6.34
C ASN C 229 -4.84 40.01 5.66
N TYR C 230 -6.08 40.43 5.87
CA TYR C 230 -7.16 39.76 5.17
C TYR C 230 -7.03 39.95 3.66
N ILE C 231 -6.77 41.19 3.25
CA ILE C 231 -6.67 41.52 1.84
C ILE C 231 -5.54 40.73 1.18
N ARG C 232 -4.42 40.63 1.86
CA ARG C 232 -3.30 39.84 1.36
C ARG C 232 -3.70 38.40 1.16
N GLU C 233 -4.33 37.80 2.17
CA GLU C 233 -4.70 36.41 2.08
C GLU C 233 -5.77 36.14 1.00
N ALA C 234 -6.70 37.07 0.84
CA ALA C 234 -7.74 37.00 -0.20
C ALA C 234 -7.09 37.06 -1.58
N HIS C 236 -3.99 36.18 -2.23
CA HIS C 236 -3.27 34.91 -2.42
C HIS C 236 -4.24 33.82 -2.90
N ALA C 237 -5.42 33.72 -2.27
CA ALA C 237 -6.40 32.71 -2.61
C ALA C 237 -6.92 32.88 -4.04
N VAL C 238 -7.17 34.12 -4.43
CA VAL C 238 -7.61 34.43 -5.78
C VAL C 238 -6.53 34.08 -6.81
N PHE C 239 -5.30 34.46 -6.51
CA PHE C 239 -4.20 34.20 -7.41
C PHE C 239 -4.00 32.69 -7.59
N LEU C 240 -3.97 31.96 -6.48
CA LEU C 240 -3.80 30.50 -6.56
C LEU C 240 -4.92 29.84 -7.30
N TYR C 241 -6.14 30.30 -7.06
CA TYR C 241 -7.29 29.72 -7.76
C TYR C 241 -7.10 29.77 -9.29
N HIS C 242 -6.70 30.91 -9.80
CA HIS C 242 -6.50 31.09 -11.24
C HIS C 242 -5.19 30.45 -11.73
N ALA C 243 -4.13 30.53 -10.95
CA ALA C 243 -2.84 29.97 -11.35
C ALA C 243 -2.85 28.43 -11.37
N ILE C 244 -3.49 27.82 -10.38
CA ILE C 244 -3.59 26.36 -10.28
C ILE C 244 -4.36 25.80 -11.49
N GLN C 245 -5.39 26.51 -11.91
CA GLN C 245 -6.13 26.10 -13.07
C GLN C 245 -5.28 26.08 -14.32
N GLN C 246 -4.21 26.89 -14.38
CA GLN C 246 -3.31 26.85 -15.53
C GLN C 246 -2.16 25.87 -15.37
N GLY C 247 -2.10 25.20 -14.22
CA GLY C 247 -1.10 24.18 -13.98
C GLY C 247 -0.03 24.52 -12.97
N ASP C 249 1.77 24.07 -9.82
CA ASP C 249 1.67 22.88 -9.00
C ASP C 249 2.45 22.94 -7.72
N GLY C 251 3.88 26.16 -4.63
CA GLY C 251 4.02 27.57 -4.32
C GLY C 251 4.60 27.78 -2.94
N ILE C 252 5.38 28.84 -2.78
CA ILE C 252 5.88 29.23 -1.46
C ILE C 252 4.78 30.07 -0.85
N VAL C 253 4.23 29.57 0.26
CA VAL C 253 3.09 30.17 0.91
C VAL C 253 3.20 30.12 2.42
N ASN C 254 2.41 30.96 3.09
CA ASN C 254 2.15 30.80 4.50
C ASN C 254 1.06 29.74 4.68
N PRO C 255 1.43 28.50 5.08
CA PRO C 255 0.45 27.43 5.05
C PRO C 255 -0.64 27.57 6.10
N GLY C 256 -0.44 28.48 7.05
CA GLY C 256 -1.45 28.72 8.07
C GLY C 256 -2.32 29.94 7.80
N SER C 258 -5.35 30.72 4.26
CA SER C 258 -6.34 30.40 5.36
C SER C 258 -7.69 31.18 5.24
N VAL C 259 -7.69 32.13 4.32
CA VAL C 259 -8.90 32.61 3.67
C VAL C 259 -9.15 31.68 2.47
N LEU C 260 -10.34 31.12 2.36
CA LEU C 260 -10.70 30.28 1.19
C LEU C 260 -11.37 31.10 0.10
N TYR C 261 -11.02 30.81 -1.14
CA TYR C 261 -11.60 31.49 -2.29
C TYR C 261 -13.11 31.57 -2.23
N SER C 262 -13.75 30.45 -1.91
CA SER C 262 -15.21 30.38 -1.89
C SER C 262 -15.86 31.12 -0.72
N ASP C 263 -15.11 31.48 0.30
CA ASP C 263 -15.65 32.25 1.45
C ASP C 263 -15.59 33.80 1.25
N ILE C 264 -14.89 34.26 0.22
CA ILE C 264 -14.77 35.71 -0.04
C ILE C 264 -16.11 36.25 -0.53
N PRO C 265 -16.69 37.21 0.18
CA PRO C 265 -17.95 37.77 -0.29
C PRO C 265 -17.84 38.33 -1.72
N ALA C 266 -18.93 38.19 -2.46
CA ALA C 266 -18.96 38.49 -3.90
C ALA C 266 -18.39 39.85 -4.29
N ASP C 267 -18.81 40.91 -3.60
CA ASP C 267 -18.30 42.23 -3.99
C ASP C 267 -16.84 42.44 -3.63
N THR C 268 -16.39 41.79 -2.55
CA THR C 268 -15.00 41.80 -2.18
C THR C 268 -14.14 41.04 -3.21
N LEU C 269 -14.67 39.90 -3.64
CA LEU C 269 -14.01 39.07 -4.67
C LEU C 269 -13.84 39.85 -5.96
N GLU C 270 -14.87 40.58 -6.34
CA GLU C 270 -14.80 41.35 -7.57
C GLU C 270 -13.66 42.37 -7.50
N LYS C 271 -13.53 43.07 -6.39
CA LYS C 271 -12.44 44.01 -6.22
C LYS C 271 -11.05 43.36 -6.23
N ILE C 272 -10.91 42.20 -5.59
CA ILE C 272 -9.65 41.48 -5.52
C ILE C 272 -9.30 40.94 -6.92
N GLU C 273 -10.27 40.31 -7.57
CA GLU C 273 -10.05 39.77 -8.91
C GLU C 273 -9.84 40.87 -9.94
N ASP C 274 -10.48 42.02 -9.77
CA ASP C 274 -10.23 43.13 -10.67
C ASP C 274 -8.74 43.48 -10.64
N VAL C 275 -8.11 43.45 -9.47
CA VAL C 275 -6.68 43.73 -9.37
C VAL C 275 -5.79 42.57 -9.86
N VAL C 276 -6.05 41.35 -9.36
CA VAL C 276 -5.20 40.23 -9.69
C VAL C 276 -5.27 39.95 -11.19
N LEU C 277 -6.48 39.97 -11.74
CA LEU C 277 -6.69 39.71 -13.17
C LEU C 277 -6.66 40.99 -14.05
N ASN C 278 -6.38 42.14 -13.45
CA ASN C 278 -6.19 43.42 -14.20
C ASN C 278 -7.37 43.75 -15.13
N ARG C 279 -8.57 43.81 -14.57
CA ARG C 279 -9.80 43.87 -15.38
C ARG C 279 -10.27 45.30 -15.62
N ARG C 280 -9.77 46.25 -14.85
CA ARG C 280 -10.08 47.65 -15.07
C ARG C 280 -8.93 48.50 -14.54
N PRO C 281 -8.67 49.66 -15.16
CA PRO C 281 -7.45 50.41 -14.82
C PRO C 281 -7.47 51.10 -13.46
N ASP C 282 -8.65 51.29 -12.89
CA ASP C 282 -8.78 51.84 -11.54
C ASP C 282 -8.96 50.74 -10.46
N ALA C 283 -8.70 49.48 -10.81
CA ALA C 283 -8.82 48.36 -9.84
C ALA C 283 -8.06 48.60 -8.55
N ALA C 284 -6.80 49.03 -8.69
CA ALA C 284 -5.92 49.17 -7.54
C ALA C 284 -6.50 50.19 -6.56
N GLU C 285 -6.90 51.33 -7.11
CA GLU C 285 -7.48 52.42 -6.36
C GLU C 285 -8.72 51.97 -5.55
N ARG C 286 -9.60 51.21 -6.19
CA ARG C 286 -10.79 50.69 -5.54
C ARG C 286 -10.43 49.67 -4.43
N LEU C 287 -9.40 48.85 -4.63
CA LEU C 287 -9.00 47.87 -3.59
C LEU C 287 -8.32 48.62 -2.44
N ILE C 288 -7.55 49.65 -2.76
CA ILE C 288 -6.91 50.44 -1.70
C ILE C 288 -7.98 51.11 -0.85
N GLU C 289 -9.04 51.56 -1.48
CA GLU C 289 -10.12 52.17 -0.75
C GLU C 289 -10.76 51.16 0.26
N LEU C 290 -10.97 49.92 -0.19
CA LEU C 290 -11.50 48.85 0.69
C LEU C 290 -10.52 48.57 1.83
N ALA C 291 -9.24 48.42 1.49
CA ALA C 291 -8.19 48.21 2.47
C ALA C 291 -8.21 49.26 3.56
N GLU C 292 -8.33 50.50 3.15
CA GLU C 292 -8.41 51.62 4.06
C GLU C 292 -9.65 51.55 4.98
N ALA C 293 -10.79 51.19 4.40
CA ALA C 293 -12.04 51.11 5.18
C ALA C 293 -11.91 50.03 6.28
N LEU C 294 -11.25 48.93 5.93
CA LEU C 294 -11.01 47.81 6.86
C LEU C 294 -9.94 48.08 7.92
N LYS C 295 -8.88 48.81 7.56
CA LYS C 295 -7.70 49.02 8.44
C LYS C 295 -8.10 49.68 9.75
N GLU C 296 -8.83 50.80 9.65
CA GLU C 296 -9.25 51.58 10.83
C GLU C 296 -9.65 50.67 12.02
#